data_5DZ2
#
_entry.id   5DZ2
#
_cell.length_a   67.213
_cell.length_b   67.213
_cell.length_c   345.388
_cell.angle_alpha   90.00
_cell.angle_beta   90.00
_cell.angle_gamma   90.00
#
_symmetry.space_group_name_H-M   'P 43 21 2'
#
loop_
_entity.id
_entity.type
_entity.pdbx_description
1 polymer 'Germacradienol/geosmin synthase'
2 non-polymer 'MAGNESIUM ION'
3 non-polymer ALENDRONATE
4 water water
#
_entity_poly.entity_id   1
_entity_poly.type   'polypeptide(L)'
_entity_poly.pdbx_seq_one_letter_code
;MTQQPFQLPHFYLPHPARLNPHLDEARAHSTTWAREMGMLEGSGVWEQSDLEAHDYGLLCAYTHPDCDGPALSLITDWYV
WVFFFDDHFLEKYKRSQDRLAGKAHLDRLPLFMPLDDAAGMPEPRNPVEAGLADLWTRTVPAMSADWRRRFAVATEHLLN
ESMWELSNINEGRVANPVEYIEMRRKVGGAPWSAGLVEYATAEVPAAVAGTRPLRVLMETFSDAVHLRNDLFSYQREVED
EGELSNGVLVLETFFGCTTQEAADLVNDVLTSRLHQFEHTAFTEVPAVALEKGLTPLEVAAVGAYTKGLQDWQSGGHEWH
MRSSRYMNKGERPLAGWQ
;
_entity_poly.pdbx_strand_id   A,B
#
loop_
_chem_comp.id
_chem_comp.type
_chem_comp.name
_chem_comp.formula
212 non-polymer ALENDRONATE 'C4 H13 N O7 P2'
MG non-polymer 'MAGNESIUM ION' 'Mg 2'
#
# COMPACT_ATOMS: atom_id res chain seq x y z
N GLN A 4 4.89 4.50 25.19
CA GLN A 4 4.67 4.94 23.81
C GLN A 4 5.23 3.89 22.83
N PRO A 5 4.38 3.41 21.91
CA PRO A 5 4.72 2.28 21.03
C PRO A 5 5.59 2.63 19.83
N PHE A 6 5.58 3.89 19.39
CA PHE A 6 6.50 4.34 18.34
C PHE A 6 6.69 5.84 18.41
N GLN A 7 7.69 6.34 17.68
CA GLN A 7 7.93 7.77 17.59
C GLN A 7 7.22 8.33 16.36
N LEU A 8 6.59 9.50 16.49
CA LEU A 8 5.96 10.13 15.34
C LEU A 8 6.97 10.45 14.24
N PRO A 9 6.59 10.18 12.99
CA PRO A 9 7.46 10.39 11.83
C PRO A 9 7.54 11.85 11.44
N HIS A 10 8.41 12.17 10.50
CA HIS A 10 8.54 13.52 9.97
C HIS A 10 7.41 13.80 8.97
N PHE A 11 6.48 14.66 9.36
CA PHE A 11 5.29 14.92 8.54
C PHE A 11 5.57 15.91 7.41
N TYR A 12 4.91 15.70 6.29
CA TYR A 12 4.90 16.67 5.21
C TYR A 12 3.86 17.75 5.53
N LEU A 13 4.34 18.96 5.84
CA LEU A 13 3.46 20.07 6.21
C LEU A 13 3.81 21.33 5.41
N PRO A 14 3.32 21.40 4.17
CA PRO A 14 3.65 22.47 3.23
C PRO A 14 2.96 23.81 3.53
N HIS A 15 1.73 23.78 4.04
CA HIS A 15 0.93 24.99 4.22
C HIS A 15 0.62 25.27 5.69
N PRO A 16 1.03 26.45 6.19
CA PRO A 16 0.84 26.75 7.61
C PRO A 16 -0.65 26.83 7.95
N ALA A 17 -1.04 26.41 9.14
CA ALA A 17 -2.44 26.47 9.54
C ALA A 17 -2.77 27.88 10.00
N ARG A 18 -4.06 28.24 9.93
CA ARG A 18 -4.55 29.49 10.50
C ARG A 18 -5.59 29.17 11.57
N LEU A 19 -5.84 30.11 12.46
CA LEU A 19 -6.68 29.88 13.62
C LEU A 19 -7.80 30.92 13.72
N ASN A 20 -9.04 30.46 13.72
CA ASN A 20 -10.19 31.37 13.81
C ASN A 20 -10.15 32.18 15.11
N PRO A 21 -10.30 33.51 15.01
CA PRO A 21 -10.24 34.40 16.17
C PRO A 21 -11.40 34.21 17.15
N HIS A 22 -12.46 33.53 16.73
CA HIS A 22 -13.59 33.28 17.63
C HIS A 22 -13.44 31.99 18.47
N LEU A 23 -12.23 31.45 18.52
CA LEU A 23 -11.93 30.23 19.30
C LEU A 23 -12.58 30.16 20.72
N ASP A 24 -12.35 31.18 21.54
CA ASP A 24 -12.79 31.14 22.93
C ASP A 24 -14.31 31.21 23.06
N GLU A 25 -14.95 31.82 22.06
CA GLU A 25 -16.41 31.85 21.96
C GLU A 25 -16.95 30.46 21.69
N ALA A 26 -16.31 29.75 20.76
CA ALA A 26 -16.72 28.41 20.39
C ALA A 26 -16.57 27.44 21.55
N ARG A 27 -15.46 27.54 22.27
CA ARG A 27 -15.21 26.72 23.45
C ARG A 27 -16.33 26.85 24.49
N ALA A 28 -16.60 28.08 24.91
CA ALA A 28 -17.59 28.34 25.95
C ALA A 28 -18.96 27.84 25.53
N HIS A 29 -19.38 28.19 24.31
CA HIS A 29 -20.68 27.76 23.83
C HIS A 29 -20.84 26.24 23.77
N SER A 30 -19.83 25.55 23.26
CA SER A 30 -19.94 24.12 23.00
C SER A 30 -19.93 23.29 24.29
N THR A 31 -19.11 23.69 25.25
CA THR A 31 -19.11 23.04 26.56
C THR A 31 -20.50 23.13 27.19
N THR A 32 -21.11 24.30 27.10
CA THR A 32 -22.46 24.50 27.64
C THR A 32 -23.47 23.64 26.89
N TRP A 33 -23.38 23.67 25.56
CA TRP A 33 -24.27 22.89 24.71
C TRP A 33 -24.14 21.38 24.96
N ALA A 34 -22.92 20.93 25.27
CA ALA A 34 -22.69 19.51 25.55
C ALA A 34 -23.49 19.08 26.77
N ARG A 35 -23.39 19.85 27.85
CA ARG A 35 -24.14 19.56 29.07
C ARG A 35 -25.64 19.59 28.82
N GLU A 36 -26.11 20.54 28.03
CA GLU A 36 -27.53 20.61 27.69
C GLU A 36 -28.01 19.37 26.96
N MET A 37 -27.12 18.73 26.20
CA MET A 37 -27.47 17.53 25.46
C MET A 37 -27.33 16.27 26.31
N GLY A 38 -26.67 16.39 27.47
CA GLY A 38 -26.53 15.26 28.39
C GLY A 38 -25.28 14.44 28.10
N MET A 39 -24.25 15.11 27.56
CA MET A 39 -23.04 14.45 27.13
C MET A 39 -21.98 14.44 28.21
N LEU A 40 -22.16 15.21 29.28
CA LEU A 40 -21.14 15.24 30.32
C LEU A 40 -21.53 14.33 31.49
N GLU A 41 -21.48 14.86 32.72
CA GLU A 41 -21.73 14.03 33.90
C GLU A 41 -23.06 13.28 33.77
N GLY A 42 -23.01 11.96 34.00
CA GLY A 42 -24.18 11.12 33.84
C GLY A 42 -24.30 10.37 32.52
N SER A 43 -23.49 10.75 31.54
CA SER A 43 -23.50 10.09 30.23
C SER A 43 -22.89 8.70 30.29
N GLY A 44 -21.91 8.54 31.18
CA GLY A 44 -21.14 7.31 31.26
C GLY A 44 -20.07 7.31 30.18
N VAL A 45 -19.95 8.44 29.49
CA VAL A 45 -19.05 8.56 28.35
C VAL A 45 -17.97 9.59 28.64
N TRP A 46 -18.41 10.82 28.90
CA TRP A 46 -17.52 11.94 29.20
C TRP A 46 -17.86 12.61 30.53
N GLU A 47 -16.85 13.16 31.17
CA GLU A 47 -17.03 14.19 32.19
C GLU A 47 -16.59 15.52 31.54
N GLN A 48 -16.86 16.66 32.18
CA GLN A 48 -16.51 17.94 31.56
C GLN A 48 -15.02 18.05 31.31
N SER A 49 -14.22 17.52 32.23
CA SER A 49 -12.77 17.56 32.12
C SER A 49 -12.27 16.87 30.84
N ASP A 50 -12.93 15.77 30.47
CA ASP A 50 -12.62 15.05 29.24
C ASP A 50 -12.87 15.93 28.01
N LEU A 51 -14.06 16.53 27.95
CA LEU A 51 -14.46 17.35 26.81
C LEU A 51 -13.51 18.55 26.64
N GLU A 52 -13.11 19.15 27.74
CA GLU A 52 -12.23 20.31 27.70
C GLU A 52 -10.82 19.93 27.25
N ALA A 53 -10.36 18.76 27.68
CA ALA A 53 -9.02 18.28 27.31
C ALA A 53 -8.94 17.86 25.85
N HIS A 54 -10.05 17.41 25.29
CA HIS A 54 -10.12 17.07 23.88
C HIS A 54 -10.07 18.36 23.03
N ASP A 55 -10.78 19.38 23.50
CA ASP A 55 -10.72 20.74 22.96
C ASP A 55 -11.23 20.82 21.52
N TYR A 56 -12.51 20.58 21.32
CA TYR A 56 -13.09 20.59 19.98
C TYR A 56 -13.29 22.01 19.46
N GLY A 57 -13.30 22.97 20.36
CA GLY A 57 -13.30 24.37 19.97
C GLY A 57 -12.02 24.67 19.20
N LEU A 58 -10.90 24.19 19.72
CA LEU A 58 -9.61 24.37 19.08
C LEU A 58 -9.56 23.64 17.72
N LEU A 59 -10.12 22.43 17.66
CA LEU A 59 -10.20 21.70 16.41
C LEU A 59 -10.88 22.51 15.32
N CYS A 60 -12.07 23.00 15.62
CA CYS A 60 -12.85 23.64 14.58
C CYS A 60 -12.28 25.01 14.24
N ALA A 61 -11.66 25.68 15.21
CA ALA A 61 -11.07 27.00 14.96
C ALA A 61 -9.87 26.86 14.02
N TYR A 62 -9.20 25.72 14.11
CA TYR A 62 -8.04 25.42 13.27
C TYR A 62 -8.46 25.01 11.87
N THR A 63 -9.58 24.29 11.77
CA THR A 63 -9.99 23.68 10.52
C THR A 63 -10.94 24.56 9.73
N HIS A 64 -11.59 25.51 10.42
CA HIS A 64 -12.45 26.50 9.79
C HIS A 64 -12.06 27.91 10.25
N PRO A 65 -10.95 28.44 9.70
CA PRO A 65 -10.34 29.69 10.19
C PRO A 65 -11.11 30.96 9.84
N ASP A 66 -11.94 30.94 8.81
CA ASP A 66 -12.47 32.18 8.24
C ASP A 66 -13.94 32.51 8.57
N CYS A 67 -14.69 31.56 9.13
CA CYS A 67 -16.11 31.81 9.35
C CYS A 67 -16.36 32.62 10.62
N ASP A 68 -17.53 33.24 10.75
CA ASP A 68 -17.79 34.09 11.92
C ASP A 68 -18.06 33.25 13.18
N GLY A 69 -18.23 33.95 14.31
CA GLY A 69 -18.51 33.33 15.60
C GLY A 69 -19.65 32.32 15.62
N PRO A 70 -20.85 32.72 15.15
CA PRO A 70 -21.98 31.78 15.11
C PRO A 70 -21.74 30.52 14.26
N ALA A 71 -21.13 30.65 13.09
CA ALA A 71 -20.84 29.49 12.23
C ALA A 71 -19.86 28.54 12.91
N LEU A 72 -18.79 29.08 13.48
CA LEU A 72 -17.82 28.28 14.23
C LEU A 72 -18.47 27.53 15.40
N SER A 73 -19.43 28.18 16.06
CA SER A 73 -20.13 27.57 17.19
CA SER A 73 -20.12 27.56 17.20
C SER A 73 -20.99 26.39 16.77
N LEU A 74 -21.71 26.55 15.67
CA LEU A 74 -22.51 25.46 15.13
C LEU A 74 -21.61 24.30 14.67
N ILE A 75 -20.52 24.63 13.97
CA ILE A 75 -19.61 23.59 13.48
C ILE A 75 -18.98 22.86 14.65
N THR A 76 -18.61 23.61 15.70
CA THR A 76 -17.97 23.01 16.85
C THR A 76 -18.92 22.02 17.56
N ASP A 77 -20.20 22.38 17.63
CA ASP A 77 -21.21 21.49 18.21
C ASP A 77 -21.35 20.20 17.40
N TRP A 78 -21.28 20.32 16.08
CA TRP A 78 -21.28 19.16 15.18
C TRP A 78 -20.15 18.19 15.51
N TYR A 79 -18.97 18.74 15.79
CA TYR A 79 -17.80 17.91 16.06
C TYR A 79 -17.80 17.39 17.49
N VAL A 80 -18.33 18.18 18.41
CA VAL A 80 -18.61 17.67 19.75
C VAL A 80 -19.54 16.46 19.62
N TRP A 81 -20.55 16.58 18.76
CA TRP A 81 -21.49 15.49 18.57
C TRP A 81 -20.87 14.24 17.90
N VAL A 82 -20.06 14.45 16.86
CA VAL A 82 -19.52 13.32 16.10
C VAL A 82 -18.50 12.52 16.91
N PHE A 83 -17.79 13.21 17.80
CA PHE A 83 -16.86 12.56 18.71
C PHE A 83 -17.57 11.92 19.90
N PHE A 84 -18.65 12.54 20.36
CA PHE A 84 -19.44 11.92 21.42
C PHE A 84 -20.00 10.61 20.90
N PHE A 85 -20.51 10.63 19.68
CA PHE A 85 -21.08 9.44 19.04
C PHE A 85 -20.06 8.33 18.96
N ASP A 86 -18.82 8.72 18.70
CA ASP A 86 -17.70 7.80 18.57
C ASP A 86 -17.34 7.17 19.91
N ASP A 87 -17.20 8.01 20.94
CA ASP A 87 -16.80 7.50 22.25
C ASP A 87 -17.98 6.78 22.91
N HIS A 88 -19.19 7.23 22.62
CA HIS A 88 -20.39 6.62 23.16
C HIS A 88 -20.55 5.21 22.59
N PHE A 89 -20.45 5.09 21.28
CA PHE A 89 -20.56 3.79 20.62
C PHE A 89 -19.49 2.82 21.13
N LEU A 90 -18.27 3.31 21.30
CA LEU A 90 -17.19 2.51 21.86
C LEU A 90 -17.54 2.00 23.25
N GLU A 91 -17.92 2.93 24.13
CA GLU A 91 -18.17 2.61 25.53
C GLU A 91 -19.42 1.75 25.76
N LYS A 92 -20.44 1.93 24.93
CA LYS A 92 -21.72 1.28 25.17
C LYS A 92 -21.91 -0.01 24.36
N TYR A 93 -21.26 -0.09 23.20
CA TYR A 93 -21.50 -1.21 22.31
C TYR A 93 -20.25 -1.99 21.97
N LYS A 94 -19.18 -1.29 21.61
CA LYS A 94 -17.96 -1.94 21.17
C LYS A 94 -17.31 -2.75 22.29
N ARG A 95 -17.22 -2.16 23.48
CA ARG A 95 -16.50 -2.81 24.57
C ARG A 95 -17.24 -4.06 25.07
N SER A 96 -18.52 -4.16 24.75
CA SER A 96 -19.30 -5.34 25.12
C SER A 96 -19.61 -6.16 23.87
N GLN A 97 -19.11 -5.71 22.73
CA GLN A 97 -19.36 -6.30 21.42
C GLN A 97 -20.86 -6.56 21.19
N ASP A 98 -21.67 -5.59 21.62
CA ASP A 98 -23.10 -5.70 21.51
C ASP A 98 -23.58 -5.27 20.13
N ARG A 99 -23.45 -6.18 19.16
CA ARG A 99 -23.76 -5.86 17.78
C ARG A 99 -25.26 -5.63 17.55
N LEU A 100 -26.10 -6.34 18.29
CA LEU A 100 -27.55 -6.22 18.07
C LEU A 100 -28.11 -4.91 18.62
N ALA A 101 -27.64 -4.52 19.81
CA ALA A 101 -28.06 -3.26 20.41
C ALA A 101 -27.47 -2.07 19.65
N GLY A 102 -26.24 -2.23 19.16
CA GLY A 102 -25.59 -1.21 18.36
C GLY A 102 -26.40 -0.94 17.11
N LYS A 103 -26.81 -2.01 16.44
CA LYS A 103 -27.62 -1.90 15.23
C LYS A 103 -28.90 -1.10 15.48
N ALA A 104 -29.56 -1.37 16.61
CA ALA A 104 -30.80 -0.69 16.95
C ALA A 104 -30.56 0.79 17.23
N HIS A 105 -29.52 1.08 18.01
CA HIS A 105 -29.09 2.46 18.28
C HIS A 105 -28.92 3.24 17.00
N LEU A 106 -28.18 2.66 16.05
CA LEU A 106 -27.90 3.31 14.79
C LEU A 106 -29.15 3.47 13.95
N ASP A 107 -30.07 2.51 14.06
CA ASP A 107 -31.27 2.51 13.22
C ASP A 107 -32.24 3.63 13.58
N ARG A 108 -32.17 4.12 14.80
CA ARG A 108 -33.04 5.22 15.25
C ARG A 108 -32.57 6.57 14.70
N LEU A 109 -31.27 6.70 14.43
CA LEU A 109 -30.69 8.02 14.15
C LEU A 109 -31.19 8.70 12.86
N PRO A 110 -31.44 7.94 11.77
CA PRO A 110 -32.06 8.59 10.62
C PRO A 110 -33.42 9.29 10.88
N LEU A 111 -34.11 8.91 11.94
CA LEU A 111 -35.37 9.56 12.31
C LEU A 111 -35.15 11.00 12.76
N PHE A 112 -33.90 11.34 13.04
CA PHE A 112 -33.57 12.68 13.48
C PHE A 112 -32.95 13.52 12.36
N MET A 113 -33.08 13.03 11.12
CA MET A 113 -32.63 13.78 9.95
C MET A 113 -33.68 13.83 8.82
N PRO A 114 -34.86 14.39 9.10
CA PRO A 114 -35.91 14.43 8.06
C PRO A 114 -35.54 15.32 6.89
N LEU A 115 -35.82 14.86 5.67
CA LEU A 115 -35.50 15.62 4.47
C LEU A 115 -36.60 16.64 4.13
N GLY A 120 -41.49 15.96 10.62
CA GLY A 120 -41.36 15.88 12.08
C GLY A 120 -40.28 14.95 12.59
N MET A 121 -40.07 14.95 13.90
CA MET A 121 -39.07 14.11 14.55
C MET A 121 -39.65 13.45 15.81
N PRO A 122 -39.13 12.29 16.19
CA PRO A 122 -39.54 11.69 17.46
C PRO A 122 -38.81 12.34 18.65
N GLU A 123 -39.17 11.95 19.87
CA GLU A 123 -38.50 12.45 21.04
C GLU A 123 -37.16 11.74 21.25
N PRO A 124 -36.10 12.50 21.56
CA PRO A 124 -34.76 11.92 21.79
C PRO A 124 -34.66 11.17 23.12
N ARG A 125 -33.98 10.02 23.10
CA ARG A 125 -33.88 9.18 24.29
C ARG A 125 -32.46 9.10 24.83
N ASN A 126 -31.51 9.64 24.08
CA ASN A 126 -30.10 9.64 24.49
C ASN A 126 -29.43 10.91 23.97
N PRO A 127 -28.23 11.25 24.48
CA PRO A 127 -27.53 12.46 24.01
C PRO A 127 -27.19 12.43 22.50
N VAL A 128 -26.99 11.25 21.93
CA VAL A 128 -26.67 11.16 20.51
C VAL A 128 -27.87 11.63 19.68
N GLU A 129 -29.04 11.14 20.07
CA GLU A 129 -30.29 11.53 19.42
C GLU A 129 -30.61 13.00 19.68
N ALA A 130 -30.39 13.44 20.92
CA ALA A 130 -30.69 14.82 21.31
C ALA A 130 -29.82 15.81 20.53
N GLY A 131 -28.52 15.57 20.53
CA GLY A 131 -27.59 16.37 19.78
C GLY A 131 -27.89 16.46 18.30
N LEU A 132 -28.21 15.32 17.67
CA LEU A 132 -28.42 15.27 16.23
C LEU A 132 -29.67 16.05 15.84
N ALA A 133 -30.73 15.85 16.62
CA ALA A 133 -31.97 16.59 16.44
C ALA A 133 -31.72 18.11 16.48
N ASP A 134 -30.99 18.55 17.49
CA ASP A 134 -30.67 19.96 17.65
C ASP A 134 -29.91 20.52 16.44
N LEU A 135 -28.78 19.87 16.14
CA LEU A 135 -27.90 20.29 15.06
C LEU A 135 -28.60 20.29 13.71
N TRP A 136 -29.37 19.25 13.44
CA TRP A 136 -30.04 19.14 12.16
C TRP A 136 -31.05 20.28 11.94
N THR A 137 -31.77 20.67 12.98
CA THR A 137 -32.73 21.75 12.83
C THR A 137 -32.02 23.11 12.68
N ARG A 138 -30.85 23.24 13.29
CA ARG A 138 -30.11 24.50 13.26
C ARG A 138 -29.33 24.73 11.95
N THR A 139 -29.06 23.66 11.23
CA THR A 139 -28.11 23.68 10.10
C THR A 139 -28.78 23.68 8.74
N VAL A 140 -29.76 22.80 8.59
CA VAL A 140 -30.46 22.57 7.33
C VAL A 140 -31.09 23.81 6.65
N PRO A 141 -31.71 24.74 7.43
CA PRO A 141 -32.34 25.88 6.74
C PRO A 141 -31.38 26.74 5.91
N ALA A 142 -30.10 26.79 6.30
CA ALA A 142 -29.13 27.65 5.64
C ALA A 142 -28.54 27.08 4.34
N MET A 143 -28.87 25.82 4.02
CA MET A 143 -28.28 25.14 2.86
C MET A 143 -29.34 24.67 1.87
N SER A 144 -28.90 24.28 0.67
CA SER A 144 -29.81 23.85 -0.39
C SER A 144 -30.45 22.50 -0.07
N ALA A 145 -31.47 22.14 -0.83
CA ALA A 145 -32.15 20.87 -0.61
C ALA A 145 -31.25 19.72 -1.03
N ASP A 146 -30.31 20.04 -1.91
CA ASP A 146 -29.39 19.04 -2.43
C ASP A 146 -28.27 18.74 -1.45
N TRP A 147 -27.76 19.79 -0.80
CA TRP A 147 -26.77 19.61 0.25
C TRP A 147 -27.38 18.76 1.36
N ARG A 148 -28.65 19.06 1.66
CA ARG A 148 -29.41 18.35 2.68
C ARG A 148 -29.41 16.83 2.43
N ARG A 149 -29.76 16.42 1.22
CA ARG A 149 -29.84 14.99 0.92
C ARG A 149 -28.44 14.36 0.99
N ARG A 150 -27.43 15.04 0.46
CA ARG A 150 -26.06 14.53 0.50
C ARG A 150 -25.54 14.44 1.92
N PHE A 151 -25.85 15.43 2.74
CA PHE A 151 -25.30 15.47 4.10
C PHE A 151 -25.92 14.37 4.96
N ALA A 152 -27.20 14.08 4.76
CA ALA A 152 -27.85 13.02 5.50
C ALA A 152 -27.23 11.67 5.12
N VAL A 153 -26.96 11.50 3.83
CA VAL A 153 -26.30 10.29 3.34
C VAL A 153 -24.91 10.13 3.97
N ALA A 154 -24.14 11.21 3.97
CA ALA A 154 -22.80 11.21 4.56
C ALA A 154 -22.85 10.85 6.03
N THR A 155 -23.85 11.36 6.74
CA THR A 155 -23.99 11.08 8.16
C THR A 155 -24.36 9.62 8.40
N GLU A 156 -25.20 9.06 7.52
CA GLU A 156 -25.54 7.64 7.57
C GLU A 156 -24.32 6.74 7.36
N HIS A 157 -23.45 7.12 6.42
CA HIS A 157 -22.25 6.35 6.17
C HIS A 157 -21.40 6.21 7.43
N LEU A 158 -21.18 7.33 8.12
CA LEU A 158 -20.52 7.34 9.42
C LEU A 158 -21.11 6.31 10.38
N LEU A 159 -22.44 6.20 10.35
CA LEU A 159 -23.15 5.22 11.19
C LEU A 159 -22.86 3.79 10.76
N ASN A 160 -22.92 3.52 9.45
CA ASN A 160 -22.57 2.20 8.92
C ASN A 160 -21.11 1.84 9.21
N GLU A 161 -20.26 2.84 9.38
CA GLU A 161 -18.85 2.60 9.66
C GLU A 161 -18.68 1.91 10.99
N SER A 162 -19.39 2.41 12.00
CA SER A 162 -19.31 1.87 13.36
C SER A 162 -19.71 0.39 13.38
N MET A 163 -20.72 0.05 12.59
CA MET A 163 -21.20 -1.32 12.47
C MET A 163 -20.11 -2.23 11.88
N TRP A 164 -19.57 -1.78 10.75
CA TRP A 164 -18.50 -2.53 10.07
CA TRP A 164 -18.48 -2.48 10.05
C TRP A 164 -17.32 -2.74 11.00
N GLU A 165 -16.92 -1.70 11.73
CA GLU A 165 -15.81 -1.79 12.66
C GLU A 165 -16.09 -2.77 13.79
N LEU A 166 -17.31 -2.74 14.33
CA LEU A 166 -17.68 -3.61 15.46
C LEU A 166 -17.67 -5.07 15.02
N SER A 167 -18.26 -5.33 13.86
CA SER A 167 -18.28 -6.68 13.29
C SER A 167 -16.85 -7.22 13.09
N ASN A 168 -15.92 -6.38 12.63
CA ASN A 168 -14.52 -6.79 12.52
C ASN A 168 -13.89 -7.13 13.87
N ILE A 169 -14.19 -6.31 14.88
CA ILE A 169 -13.68 -6.53 16.23
C ILE A 169 -14.22 -7.85 16.79
N ASN A 170 -15.52 -8.04 16.63
CA ASN A 170 -16.22 -9.22 17.11
C ASN A 170 -15.71 -10.53 16.49
N GLU A 171 -15.18 -10.44 15.26
CA GLU A 171 -14.70 -11.61 14.55
C GLU A 171 -13.18 -11.67 14.49
N GLY A 172 -12.52 -10.68 15.09
CA GLY A 172 -11.08 -10.63 15.14
C GLY A 172 -10.36 -10.37 13.82
N ARG A 173 -11.11 -9.94 12.81
CA ARG A 173 -10.56 -9.79 11.46
C ARG A 173 -10.04 -8.38 11.17
N VAL A 174 -8.73 -8.25 11.02
CA VAL A 174 -8.14 -6.99 10.58
C VAL A 174 -8.24 -6.88 9.06
N ALA A 175 -8.68 -5.73 8.55
CA ALA A 175 -8.80 -5.54 7.12
C ALA A 175 -7.43 -5.51 6.46
N ASN A 176 -7.33 -5.94 5.21
CA ASN A 176 -6.09 -5.83 4.46
C ASN A 176 -5.95 -4.40 3.94
N PRO A 177 -4.75 -4.00 3.45
CA PRO A 177 -4.53 -2.59 3.09
C PRO A 177 -5.51 -1.96 2.09
N VAL A 178 -5.91 -2.66 1.03
CA VAL A 178 -6.88 -2.09 0.10
C VAL A 178 -8.29 -2.03 0.73
N GLU A 179 -8.66 -3.09 1.44
CA GLU A 179 -9.95 -3.13 2.13
C GLU A 179 -10.08 -1.97 3.11
N TYR A 180 -9.03 -1.73 3.89
CA TYR A 180 -9.06 -0.66 4.87
C TYR A 180 -9.29 0.69 4.22
N ILE A 181 -8.52 0.98 3.18
CA ILE A 181 -8.66 2.24 2.46
C ILE A 181 -10.05 2.40 1.84
N GLU A 182 -10.53 1.35 1.19
CA GLU A 182 -11.79 1.45 0.48
C GLU A 182 -12.95 1.59 1.47
N MET A 183 -12.80 0.98 2.63
CA MET A 183 -13.87 1.07 3.61
CA MET A 183 -13.81 1.05 3.68
C MET A 183 -13.92 2.46 4.24
N ARG A 184 -12.78 3.03 4.63
CA ARG A 184 -12.77 4.38 5.18
C ARG A 184 -13.20 5.38 4.12
N ARG A 185 -12.99 5.06 2.85
CA ARG A 185 -13.52 5.90 1.78
C ARG A 185 -15.05 5.85 1.69
N LYS A 186 -15.59 4.64 1.59
CA LYS A 186 -17.02 4.44 1.36
C LYS A 186 -17.91 4.84 2.53
N VAL A 187 -17.47 4.56 3.76
CA VAL A 187 -18.32 4.81 4.92
C VAL A 187 -17.67 5.69 5.99
N GLY A 188 -16.41 6.10 5.78
CA GLY A 188 -15.77 7.01 6.71
C GLY A 188 -16.36 8.42 6.69
N GLY A 189 -15.85 9.28 7.56
CA GLY A 189 -16.43 10.60 7.79
C GLY A 189 -15.87 11.78 7.01
N ALA A 190 -15.06 11.52 5.99
CA ALA A 190 -14.53 12.61 5.18
C ALA A 190 -15.60 13.39 4.38
N PRO A 191 -16.52 12.69 3.68
CA PRO A 191 -17.60 13.46 3.03
C PRO A 191 -18.43 14.32 4.00
N TRP A 192 -18.58 13.85 5.23
CA TRP A 192 -19.31 14.57 6.29
C TRP A 192 -18.57 15.85 6.66
N SER A 193 -17.26 15.74 6.90
CA SER A 193 -16.43 16.90 7.18
C SER A 193 -16.44 17.89 6.01
N ALA A 194 -16.31 17.37 4.80
CA ALA A 194 -16.34 18.19 3.60
C ALA A 194 -17.73 18.81 3.42
N GLY A 195 -18.74 18.16 4.00
CA GLY A 195 -20.08 18.69 4.00
C GLY A 195 -20.16 19.97 4.81
N LEU A 196 -19.46 20.01 5.93
CA LEU A 196 -19.45 21.18 6.79
C LEU A 196 -18.45 22.24 6.31
N VAL A 197 -17.44 21.84 5.54
CA VAL A 197 -16.58 22.84 4.93
C VAL A 197 -17.40 23.69 3.96
N GLU A 198 -18.28 23.05 3.20
CA GLU A 198 -19.26 23.76 2.37
C GLU A 198 -20.13 24.72 3.17
N TYR A 199 -20.55 24.33 4.37
CA TYR A 199 -21.37 25.20 5.19
C TYR A 199 -20.55 26.42 5.57
N ALA A 200 -19.28 26.19 5.86
CA ALA A 200 -18.38 27.26 6.29
C ALA A 200 -17.90 28.12 5.12
N THR A 201 -17.86 27.57 3.91
CA THR A 201 -17.35 28.28 2.74
C THR A 201 -18.44 28.46 1.68
N ALA A 202 -18.57 27.50 0.78
CA ALA A 202 -19.65 27.51 -0.19
C ALA A 202 -19.89 26.11 -0.70
N GLU A 203 -21.12 25.82 -1.10
CA GLU A 203 -21.45 24.53 -1.69
C GLU A 203 -20.81 24.41 -3.07
N VAL A 204 -20.42 23.20 -3.42
CA VAL A 204 -19.83 22.93 -4.73
C VAL A 204 -20.90 22.98 -5.81
N PRO A 205 -20.68 23.80 -6.85
CA PRO A 205 -21.56 23.87 -8.01
C PRO A 205 -21.84 22.48 -8.58
N ALA A 206 -23.11 22.18 -8.83
CA ALA A 206 -23.51 20.85 -9.28
C ALA A 206 -22.89 20.48 -10.61
N ALA A 207 -22.44 21.49 -11.35
CA ALA A 207 -21.89 21.27 -12.69
C ALA A 207 -20.53 20.59 -12.65
N VAL A 208 -19.90 20.58 -11.48
CA VAL A 208 -18.60 19.95 -11.32
C VAL A 208 -18.59 18.95 -10.17
N ALA A 209 -19.64 18.99 -9.35
CA ALA A 209 -19.75 18.16 -8.15
C ALA A 209 -19.52 16.66 -8.40
N GLY A 210 -20.02 16.16 -9.51
CA GLY A 210 -19.92 14.73 -9.79
C GLY A 210 -18.79 14.37 -10.73
N THR A 211 -17.96 15.34 -11.05
CA THR A 211 -16.86 15.10 -11.99
C THR A 211 -15.69 14.39 -11.31
N ARG A 212 -14.82 13.80 -12.13
CA ARG A 212 -13.68 13.05 -11.62
C ARG A 212 -12.70 13.85 -10.76
N PRO A 213 -12.37 15.11 -11.16
CA PRO A 213 -11.38 15.83 -10.34
C PRO A 213 -11.87 16.13 -8.93
N LEU A 214 -13.16 16.37 -8.76
CA LEU A 214 -13.66 16.59 -7.41
C LEU A 214 -13.78 15.27 -6.66
N ARG A 215 -14.05 14.19 -7.38
CA ARG A 215 -14.03 12.86 -6.77
C ARG A 215 -12.62 12.55 -6.25
N VAL A 216 -11.63 12.77 -7.10
CA VAL A 216 -10.24 12.55 -6.69
C VAL A 216 -9.87 13.46 -5.53
N LEU A 217 -10.37 14.69 -5.54
CA LEU A 217 -10.05 15.65 -4.50
C LEU A 217 -10.53 15.09 -3.16
N MET A 218 -11.69 14.44 -3.19
CA MET A 218 -12.27 13.85 -1.99
C MET A 218 -11.50 12.60 -1.56
N GLU A 219 -11.08 11.78 -2.52
CA GLU A 219 -10.29 10.58 -2.23
C GLU A 219 -8.99 10.90 -1.50
N THR A 220 -8.23 11.85 -2.04
CA THR A 220 -6.97 12.26 -1.43
C THR A 220 -7.18 12.92 -0.07
N PHE A 221 -8.23 13.73 0.04
CA PHE A 221 -8.55 14.35 1.32
C PHE A 221 -8.88 13.26 2.34
N SER A 222 -9.74 12.33 1.95
CA SER A 222 -10.18 11.23 2.82
C SER A 222 -9.01 10.37 3.30
N ASP A 223 -8.26 9.81 2.37
CA ASP A 223 -7.11 8.99 2.71
C ASP A 223 -6.19 9.71 3.69
N ALA A 224 -5.87 10.96 3.37
CA ALA A 224 -4.88 11.72 4.14
C ALA A 224 -5.33 11.98 5.58
N VAL A 225 -6.57 12.41 5.76
CA VAL A 225 -7.10 12.70 7.10
CA VAL A 225 -7.04 12.72 7.12
C VAL A 225 -7.10 11.44 7.97
N HIS A 226 -7.52 10.33 7.38
CA HIS A 226 -7.59 9.08 8.15
C HIS A 226 -6.22 8.53 8.50
N LEU A 227 -5.31 8.56 7.53
CA LEU A 227 -3.96 8.09 7.78
C LEU A 227 -3.27 8.94 8.84
N ARG A 228 -3.47 10.26 8.82
CA ARG A 228 -2.88 11.13 9.85
C ARG A 228 -3.43 10.77 11.22
N ASN A 229 -4.75 10.65 11.33
CA ASN A 229 -5.34 10.30 12.61
C ASN A 229 -4.89 8.92 13.10
N ASP A 230 -4.73 7.99 12.17
CA ASP A 230 -4.27 6.64 12.53
C ASP A 230 -2.92 6.71 13.23
N LEU A 231 -2.04 7.56 12.72
CA LEU A 231 -0.73 7.73 13.33
C LEU A 231 -0.86 8.23 14.77
N PHE A 232 -1.72 9.22 14.98
CA PHE A 232 -1.91 9.85 16.28
C PHE A 232 -2.72 9.04 17.30
N SER A 233 -3.57 8.12 16.83
CA SER A 233 -4.46 7.41 17.75
C SER A 233 -4.24 5.90 17.82
N TYR A 234 -3.15 5.42 17.21
CA TYR A 234 -2.83 4.00 17.26
C TYR A 234 -2.70 3.51 18.70
N GLN A 235 -1.98 4.26 19.52
CA GLN A 235 -1.72 3.82 20.89
C GLN A 235 -3.01 3.63 21.68
N ARG A 236 -3.89 4.63 21.64
CA ARG A 236 -5.15 4.50 22.33
C ARG A 236 -5.98 3.36 21.75
N GLU A 237 -6.00 3.24 20.43
CA GLU A 237 -6.89 2.29 19.79
C GLU A 237 -6.45 0.85 20.00
N VAL A 238 -5.14 0.65 20.01
CA VAL A 238 -4.57 -0.69 20.09
C VAL A 238 -4.42 -1.19 21.52
N GLU A 239 -3.98 -0.32 22.43
CA GLU A 239 -3.67 -0.80 23.77
C GLU A 239 -4.62 -0.25 24.82
N ASP A 240 -5.79 0.23 24.39
CA ASP A 240 -6.85 0.63 25.32
C ASP A 240 -8.25 0.33 24.79
N GLU A 241 -8.48 0.59 23.52
CA GLU A 241 -9.82 0.44 22.95
C GLU A 241 -10.09 -0.93 22.35
N GLY A 242 -9.06 -1.55 21.77
CA GLY A 242 -9.26 -2.79 21.03
C GLY A 242 -9.86 -2.51 19.66
N GLU A 243 -9.63 -1.30 19.17
CA GLU A 243 -10.10 -0.92 17.84
C GLU A 243 -9.16 -1.48 16.76
N LEU A 244 -9.73 -2.07 15.71
CA LEU A 244 -8.89 -2.64 14.65
C LEU A 244 -8.81 -1.75 13.41
N SER A 245 -9.62 -0.68 13.37
CA SER A 245 -9.61 0.21 12.22
C SER A 245 -8.54 1.28 12.37
N ASN A 246 -7.33 0.91 11.97
CA ASN A 246 -6.16 1.77 12.07
C ASN A 246 -5.12 1.36 11.03
N GLY A 247 -4.71 2.30 10.18
CA GLY A 247 -3.76 2.01 9.11
C GLY A 247 -2.41 1.48 9.54
N VAL A 248 -1.92 1.93 10.69
CA VAL A 248 -0.65 1.43 11.19
C VAL A 248 -0.81 -0.03 11.61
N LEU A 249 -1.93 -0.33 12.25
CA LEU A 249 -2.21 -1.72 12.63
C LEU A 249 -2.44 -2.57 11.39
N VAL A 250 -3.08 -2.01 10.38
CA VAL A 250 -3.36 -2.74 9.15
C VAL A 250 -2.07 -3.17 8.43
N LEU A 251 -1.09 -2.26 8.36
CA LEU A 251 0.16 -2.58 7.67
C LEU A 251 0.96 -3.57 8.49
N GLU A 252 1.06 -3.25 9.78
CA GLU A 252 1.71 -4.12 10.76
C GLU A 252 1.28 -5.57 10.67
N THR A 253 -0.04 -5.83 10.60
CA THR A 253 -0.49 -7.21 10.55
C THR A 253 -0.22 -7.81 9.18
N PHE A 254 -0.33 -7.00 8.13
CA PHE A 254 -0.19 -7.51 6.77
C PHE A 254 1.24 -7.94 6.46
N PHE A 255 2.20 -7.15 6.93
CA PHE A 255 3.62 -7.37 6.65
C PHE A 255 4.37 -8.03 7.79
N GLY A 256 3.80 -7.97 8.99
CA GLY A 256 4.47 -8.51 10.17
C GLY A 256 5.68 -7.70 10.55
N CYS A 257 5.69 -6.41 10.21
CA CYS A 257 6.82 -5.53 10.50
C CYS A 257 6.74 -4.94 11.91
N THR A 258 7.72 -4.13 12.30
CA THR A 258 7.64 -3.49 13.60
C THR A 258 6.61 -2.37 13.57
N THR A 259 6.19 -1.92 14.75
CA THR A 259 5.23 -0.82 14.82
C THR A 259 5.81 0.43 14.18
N GLN A 260 7.07 0.74 14.47
CA GLN A 260 7.72 1.92 13.89
C GLN A 260 7.81 1.85 12.37
N GLU A 261 8.06 0.65 11.85
CA GLU A 261 8.20 0.47 10.40
C GLU A 261 6.87 0.74 9.71
N ALA A 262 5.79 0.21 10.27
CA ALA A 262 4.46 0.46 9.71
C ALA A 262 4.07 1.95 9.76
N ALA A 263 4.36 2.61 10.88
CA ALA A 263 4.05 4.03 11.01
C ALA A 263 4.85 4.84 10.00
N ASP A 264 6.09 4.42 9.74
CA ASP A 264 6.93 5.13 8.79
C ASP A 264 6.37 4.99 7.36
N LEU A 265 5.88 3.81 7.01
CA LEU A 265 5.30 3.62 5.68
C LEU A 265 3.95 4.31 5.55
N VAL A 266 3.10 4.16 6.56
CA VAL A 266 1.83 4.89 6.59
C VAL A 266 2.08 6.37 6.30
N ASN A 267 3.08 6.94 6.93
CA ASN A 267 3.37 8.36 6.74
C ASN A 267 3.83 8.68 5.32
N ASP A 268 4.51 7.73 4.67
CA ASP A 268 4.95 7.93 3.28
C ASP A 268 3.75 7.89 2.35
N VAL A 269 2.81 7.00 2.65
CA VAL A 269 1.55 6.96 1.90
C VAL A 269 0.78 8.28 2.09
N LEU A 270 0.78 8.79 3.32
CA LEU A 270 0.12 10.06 3.64
C LEU A 270 0.68 11.20 2.79
N THR A 271 2.01 11.33 2.78
CA THR A 271 2.69 12.37 2.00
C THR A 271 2.34 12.29 0.52
N SER A 272 2.24 11.07 0.03
CA SER A 272 1.87 10.83 -1.36
C SER A 272 0.45 11.32 -1.66
N ARG A 273 -0.50 11.03 -0.77
CA ARG A 273 -1.88 11.47 -0.96
C ARG A 273 -1.98 13.00 -0.95
N LEU A 274 -1.18 13.62 -0.09
CA LEU A 274 -1.13 15.07 0.00
C LEU A 274 -0.58 15.66 -1.31
N HIS A 275 0.44 15.03 -1.88
CA HIS A 275 0.96 15.45 -3.19
C HIS A 275 -0.11 15.41 -4.27
N GLN A 276 -0.89 14.33 -4.31
CA GLN A 276 -1.94 14.22 -5.32
C GLN A 276 -3.06 15.23 -5.10
N PHE A 277 -3.37 15.54 -3.83
CA PHE A 277 -4.35 16.59 -3.51
C PHE A 277 -3.91 17.93 -4.12
N GLU A 278 -2.67 18.32 -3.83
CA GLU A 278 -2.12 19.60 -4.34
C GLU A 278 -2.24 19.69 -5.86
N HIS A 279 -1.84 18.62 -6.53
CA HIS A 279 -1.90 18.52 -7.99
C HIS A 279 -3.35 18.59 -8.48
N THR A 280 -4.23 17.92 -7.75
CA THR A 280 -5.64 17.91 -8.11
C THR A 280 -6.24 19.29 -7.93
N ALA A 281 -5.94 19.92 -6.80
CA ALA A 281 -6.49 21.23 -6.47
C ALA A 281 -6.02 22.32 -7.44
N PHE A 282 -4.79 22.17 -7.92
CA PHE A 282 -4.17 23.22 -8.73
C PHE A 282 -4.40 23.04 -10.23
N THR A 283 -4.54 21.79 -10.66
CA THR A 283 -4.59 21.51 -12.08
C THR A 283 -5.91 20.92 -12.53
N GLU A 284 -6.26 19.76 -11.97
CA GLU A 284 -7.41 19.03 -12.45
C GLU A 284 -8.73 19.74 -12.15
N VAL A 285 -8.86 20.34 -10.97
CA VAL A 285 -10.09 21.05 -10.63
C VAL A 285 -10.27 22.35 -11.43
N PRO A 286 -9.23 23.21 -11.52
CA PRO A 286 -9.38 24.38 -12.40
C PRO A 286 -9.68 24.04 -13.86
N ALA A 287 -9.22 22.89 -14.32
CA ALA A 287 -9.44 22.49 -15.71
C ALA A 287 -10.90 22.17 -15.96
N VAL A 288 -11.51 21.44 -15.03
CA VAL A 288 -12.89 21.03 -15.20
C VAL A 288 -13.83 22.22 -14.97
N ALA A 289 -13.36 23.22 -14.24
CA ALA A 289 -14.13 24.44 -14.03
C ALA A 289 -14.29 25.20 -15.35
N LEU A 290 -13.25 25.15 -16.18
CA LEU A 290 -13.27 25.78 -17.50
C LEU A 290 -14.12 24.94 -18.43
N GLU A 291 -13.83 23.65 -18.45
CA GLU A 291 -14.52 22.70 -19.33
C GLU A 291 -16.03 22.71 -19.14
N LYS A 292 -16.51 23.11 -17.96
CA LYS A 292 -17.95 23.17 -17.70
C LYS A 292 -18.45 24.61 -17.70
N GLY A 293 -17.55 25.55 -17.98
CA GLY A 293 -17.90 26.94 -18.15
C GLY A 293 -18.54 27.60 -16.94
N LEU A 294 -18.03 27.30 -15.75
CA LEU A 294 -18.52 27.93 -14.52
C LEU A 294 -18.34 29.44 -14.54
N THR A 295 -19.35 30.16 -14.07
CA THR A 295 -19.29 31.61 -13.98
CA THR A 295 -19.29 31.61 -13.98
C THR A 295 -18.20 32.03 -13.01
N PRO A 296 -17.78 33.32 -13.07
CA PRO A 296 -16.81 33.80 -12.07
C PRO A 296 -17.24 33.48 -10.63
N LEU A 297 -18.53 33.59 -10.36
CA LEU A 297 -19.05 33.34 -9.02
C LEU A 297 -18.95 31.86 -8.65
N GLU A 298 -19.27 30.98 -9.60
CA GLU A 298 -19.22 29.55 -9.38
C GLU A 298 -17.79 29.06 -9.18
N VAL A 299 -16.85 29.65 -9.91
CA VAL A 299 -15.45 29.29 -9.80
C VAL A 299 -14.94 29.68 -8.41
N ALA A 300 -15.42 30.81 -7.91
CA ALA A 300 -15.01 31.30 -6.59
C ALA A 300 -15.52 30.39 -5.48
N ALA A 301 -16.68 29.78 -5.69
CA ALA A 301 -17.24 28.84 -4.71
C ALA A 301 -16.38 27.59 -4.64
N VAL A 302 -16.05 27.05 -5.81
CA VAL A 302 -15.12 25.92 -5.91
C VAL A 302 -13.79 26.21 -5.22
N GLY A 303 -13.23 27.38 -5.47
CA GLY A 303 -11.95 27.74 -4.87
C GLY A 303 -12.07 27.95 -3.38
N ALA A 304 -13.21 28.45 -2.94
CA ALA A 304 -13.46 28.64 -1.52
C ALA A 304 -13.48 27.29 -0.82
N TYR A 305 -14.11 26.31 -1.47
CA TYR A 305 -14.27 24.97 -0.92
C TYR A 305 -12.97 24.17 -0.89
N THR A 306 -12.25 24.16 -2.00
CA THR A 306 -10.99 23.42 -2.06
C THR A 306 -9.97 24.04 -1.10
N LYS A 307 -9.96 25.36 -1.01
CA LYS A 307 -9.15 26.06 -0.03
C LYS A 307 -9.55 25.66 1.39
N GLY A 308 -10.85 25.51 1.61
CA GLY A 308 -11.36 24.97 2.87
C GLY A 308 -10.76 23.61 3.22
N LEU A 309 -10.75 22.69 2.26
CA LEU A 309 -10.16 21.37 2.49
C LEU A 309 -8.67 21.47 2.86
N GLN A 310 -7.93 22.32 2.15
CA GLN A 310 -6.53 22.54 2.50
C GLN A 310 -6.36 23.01 3.95
N ASP A 311 -7.13 24.02 4.34
CA ASP A 311 -7.03 24.58 5.70
C ASP A 311 -7.52 23.58 6.75
N TRP A 312 -8.49 22.76 6.38
CA TRP A 312 -8.95 21.69 7.26
C TRP A 312 -7.78 20.77 7.59
N GLN A 313 -7.05 20.35 6.56
CA GLN A 313 -5.97 19.41 6.76
C GLN A 313 -4.83 19.98 7.59
N SER A 314 -4.44 21.22 7.31
CA SER A 314 -3.34 21.83 8.06
C SER A 314 -3.76 22.08 9.50
N GLY A 315 -4.99 22.54 9.69
CA GLY A 315 -5.50 22.78 11.03
C GLY A 315 -5.67 21.49 11.82
N GLY A 316 -6.18 20.46 11.13
CA GLY A 316 -6.36 19.16 11.75
C GLY A 316 -5.08 18.62 12.37
N HIS A 317 -3.97 18.80 11.66
CA HIS A 317 -2.69 18.33 12.19
C HIS A 317 -2.30 19.11 13.45
N GLU A 318 -2.45 20.43 13.42
CA GLU A 318 -2.13 21.23 14.58
C GLU A 318 -2.99 20.83 15.78
N TRP A 319 -4.26 20.48 15.53
CA TRP A 319 -5.11 19.99 16.59
C TRP A 319 -4.65 18.64 17.16
N HIS A 320 -4.32 17.70 16.28
CA HIS A 320 -3.90 16.37 16.70
C HIS A 320 -2.66 16.45 17.57
N MET A 321 -1.83 17.46 17.29
CA MET A 321 -0.61 17.69 18.06
C MET A 321 -0.90 18.25 19.44
N ARG A 322 -2.13 18.64 19.71
CA ARG A 322 -2.47 19.27 20.99
C ARG A 322 -3.54 18.53 21.81
N SER A 323 -4.49 17.88 21.14
CA SER A 323 -5.61 17.23 21.83
C SER A 323 -5.16 16.06 22.72
N SER A 324 -5.84 15.90 23.86
CA SER A 324 -5.54 14.82 24.80
C SER A 324 -5.98 13.44 24.29
N ARG A 325 -6.68 13.42 23.14
CA ARG A 325 -7.05 12.14 22.53
C ARG A 325 -5.86 11.39 21.95
N TYR A 326 -4.74 12.07 21.77
CA TYR A 326 -3.71 11.54 20.87
C TYR A 326 -2.30 11.48 21.45
N MET A 327 -1.47 10.67 20.79
CA MET A 327 -0.09 10.36 21.20
C MET A 327 0.88 11.47 20.81
N ASN A 328 0.78 12.60 21.49
CA ASN A 328 1.58 13.77 21.14
C ASN A 328 2.46 14.26 22.29
N LYS A 329 2.76 13.37 23.22
CA LYS A 329 3.57 13.67 24.41
C LYS A 329 3.01 14.84 25.21
N GLN B 4 11.51 9.93 -21.36
CA GLN B 4 11.14 8.85 -20.46
C GLN B 4 10.00 9.27 -19.51
N PRO B 5 9.15 8.31 -19.11
CA PRO B 5 7.91 8.57 -18.36
C PRO B 5 8.12 9.25 -17.00
N PHE B 6 9.23 8.96 -16.33
CA PHE B 6 9.52 9.56 -15.03
C PHE B 6 11.01 9.46 -14.75
N GLN B 7 11.46 10.13 -13.68
CA GLN B 7 12.86 10.06 -13.29
C GLN B 7 13.02 9.07 -12.13
N LEU B 8 14.11 8.32 -12.13
CA LEU B 8 14.35 7.38 -11.04
C LEU B 8 14.46 8.14 -9.73
N PRO B 9 13.86 7.60 -8.66
CA PRO B 9 13.92 8.21 -7.33
C PRO B 9 15.22 7.88 -6.62
N HIS B 10 15.40 8.44 -5.42
CA HIS B 10 16.58 8.13 -4.62
C HIS B 10 16.37 6.80 -3.91
N PHE B 11 17.19 5.81 -4.25
CA PHE B 11 17.05 4.47 -3.70
C PHE B 11 17.71 4.32 -2.33
N TYR B 12 17.05 3.58 -1.46
CA TYR B 12 17.66 3.12 -0.22
C TYR B 12 18.60 1.96 -0.51
N LEU B 13 19.88 2.13 -0.20
CA LEU B 13 20.86 1.08 -0.43
C LEU B 13 21.64 0.79 0.85
N PRO B 14 21.19 -0.20 1.62
CA PRO B 14 21.81 -0.50 2.92
C PRO B 14 23.22 -1.10 2.83
N HIS B 15 23.52 -1.80 1.72
CA HIS B 15 24.83 -2.43 1.59
C HIS B 15 25.38 -2.26 0.18
N PRO B 16 26.68 -1.93 0.07
CA PRO B 16 27.24 -1.80 -1.26
C PRO B 16 27.41 -3.19 -1.89
N ALA B 17 27.33 -3.27 -3.21
CA ALA B 17 27.46 -4.54 -3.91
C ALA B 17 28.92 -4.95 -4.01
N ARG B 18 29.15 -6.26 -4.07
CA ARG B 18 30.46 -6.82 -4.37
C ARG B 18 30.38 -7.57 -5.69
N LEU B 19 31.52 -7.69 -6.39
CA LEU B 19 31.53 -8.23 -7.74
C LEU B 19 32.42 -9.47 -7.83
N ASN B 20 31.83 -10.61 -8.19
CA ASN B 20 32.55 -11.88 -8.31
C ASN B 20 33.71 -11.74 -9.31
N PRO B 21 34.91 -12.15 -8.88
CA PRO B 21 36.11 -11.96 -9.71
C PRO B 21 36.15 -12.87 -10.95
N HIS B 22 35.34 -13.93 -10.94
CA HIS B 22 35.27 -14.86 -12.06
C HIS B 22 34.34 -14.39 -13.17
N LEU B 23 34.07 -13.09 -13.22
CA LEU B 23 33.11 -12.49 -14.16
C LEU B 23 33.33 -12.88 -15.64
N ASP B 24 34.53 -12.61 -16.15
CA ASP B 24 34.81 -12.80 -17.57
C ASP B 24 34.75 -14.27 -17.99
N GLU B 25 35.00 -15.15 -17.03
CA GLU B 25 34.79 -16.57 -17.22
C GLU B 25 33.31 -16.88 -17.44
N ALA B 26 32.46 -16.31 -16.59
CA ALA B 26 31.02 -16.54 -16.66
C ALA B 26 30.46 -16.04 -17.99
N ARG B 27 30.91 -14.85 -18.40
CA ARG B 27 30.51 -14.25 -19.67
C ARG B 27 30.81 -15.15 -20.87
N ALA B 28 32.04 -15.64 -20.93
CA ALA B 28 32.46 -16.50 -22.03
C ALA B 28 31.65 -17.78 -22.07
N HIS B 29 31.56 -18.46 -20.93
CA HIS B 29 30.82 -19.72 -20.89
C HIS B 29 29.34 -19.55 -21.25
N SER B 30 28.73 -18.46 -20.80
CA SER B 30 27.28 -18.31 -20.93
C SER B 30 26.85 -17.93 -22.33
N THR B 31 27.60 -17.04 -22.98
CA THR B 31 27.32 -16.70 -24.38
C THR B 31 27.36 -17.95 -25.27
N THR B 32 28.41 -18.76 -25.12
CA THR B 32 28.56 -19.98 -25.90
C THR B 32 27.47 -21.00 -25.57
N TRP B 33 27.15 -21.14 -24.28
CA TRP B 33 26.09 -22.07 -23.84
C TRP B 33 24.73 -21.71 -24.47
N ALA B 34 24.50 -20.41 -24.63
CA ALA B 34 23.22 -19.93 -25.15
C ALA B 34 23.07 -20.29 -26.62
N ARG B 35 24.13 -20.02 -27.38
CA ARG B 35 24.19 -20.40 -28.77
C ARG B 35 23.92 -21.90 -28.90
N GLU B 36 24.54 -22.68 -28.03
CA GLU B 36 24.38 -24.13 -28.01
C GLU B 36 22.95 -24.56 -27.71
N MET B 37 22.26 -23.76 -26.89
CA MET B 37 20.87 -24.06 -26.55
C MET B 37 19.92 -23.64 -27.66
N GLY B 38 20.42 -22.84 -28.59
CA GLY B 38 19.63 -22.34 -29.71
C GLY B 38 18.84 -21.10 -29.32
N MET B 39 19.45 -20.26 -28.50
CA MET B 39 18.80 -19.08 -27.95
C MET B 39 19.17 -17.80 -28.69
N LEU B 40 20.05 -17.90 -29.68
CA LEU B 40 20.48 -16.69 -30.36
C LEU B 40 19.96 -16.68 -31.80
N GLU B 41 20.86 -16.52 -32.78
CA GLU B 41 20.48 -16.51 -34.20
C GLU B 41 19.50 -17.63 -34.53
N GLY B 42 18.37 -17.27 -35.12
CA GLY B 42 17.35 -18.25 -35.46
C GLY B 42 16.28 -18.49 -34.42
N SER B 43 16.45 -17.94 -33.22
CA SER B 43 15.47 -18.16 -32.15
C SER B 43 14.19 -17.37 -32.38
N GLY B 44 14.33 -16.24 -33.06
CA GLY B 44 13.23 -15.32 -33.27
C GLY B 44 13.01 -14.46 -32.03
N VAL B 45 13.98 -14.51 -31.11
CA VAL B 45 13.85 -13.84 -29.82
C VAL B 45 15.06 -12.94 -29.57
N TRP B 46 16.26 -13.54 -29.58
CA TRP B 46 17.50 -12.81 -29.39
C TRP B 46 18.49 -13.01 -30.54
N GLU B 47 19.35 -12.02 -30.75
CA GLU B 47 20.62 -12.20 -31.44
C GLU B 47 21.72 -12.03 -30.40
N GLN B 48 22.95 -12.45 -30.70
CA GLN B 48 24.04 -12.36 -29.73
C GLN B 48 24.21 -10.95 -29.16
N SER B 49 23.92 -9.94 -29.98
CA SER B 49 24.08 -8.55 -29.55
C SER B 49 23.13 -8.21 -28.41
N ASP B 50 21.94 -8.81 -28.42
CA ASP B 50 20.99 -8.66 -27.31
C ASP B 50 21.51 -9.34 -26.04
N LEU B 51 22.00 -10.57 -26.19
CA LEU B 51 22.47 -11.33 -25.04
C LEU B 51 23.58 -10.58 -24.30
N GLU B 52 24.44 -9.93 -25.08
CA GLU B 52 25.59 -9.23 -24.52
C GLU B 52 25.19 -7.89 -23.91
N ALA B 53 24.24 -7.20 -24.52
CA ALA B 53 23.82 -5.90 -24.01
C ALA B 53 23.03 -6.03 -22.69
N HIS B 54 22.32 -7.15 -22.54
CA HIS B 54 21.63 -7.47 -21.28
C HIS B 54 22.65 -7.83 -20.21
N ASP B 55 23.68 -8.56 -20.62
CA ASP B 55 24.82 -8.94 -19.78
C ASP B 55 24.42 -9.68 -18.51
N TYR B 56 24.02 -10.94 -18.66
CA TYR B 56 23.60 -11.74 -17.51
C TYR B 56 24.77 -12.27 -16.69
N GLY B 57 25.97 -12.22 -17.25
CA GLY B 57 27.17 -12.61 -16.54
C GLY B 57 27.49 -11.60 -15.45
N LEU B 58 27.36 -10.32 -15.79
CA LEU B 58 27.55 -9.23 -14.85
C LEU B 58 26.48 -9.23 -13.76
N LEU B 59 25.24 -9.53 -14.12
CA LEU B 59 24.16 -9.70 -13.13
C LEU B 59 24.54 -10.73 -12.09
N CYS B 60 24.94 -11.91 -12.54
CA CYS B 60 25.19 -12.99 -11.61
C CYS B 60 26.48 -12.77 -10.80
N ALA B 61 27.45 -12.09 -11.40
CA ALA B 61 28.68 -11.77 -10.71
C ALA B 61 28.42 -10.80 -9.57
N TYR B 62 27.40 -9.96 -9.75
CA TYR B 62 27.00 -8.99 -8.73
C TYR B 62 26.17 -9.65 -7.64
N THR B 63 25.29 -10.57 -8.02
CA THR B 63 24.35 -11.19 -7.10
C THR B 63 24.89 -12.43 -6.39
N HIS B 64 25.95 -13.04 -6.95
CA HIS B 64 26.57 -14.18 -6.28
C HIS B 64 28.09 -13.98 -6.26
N PRO B 65 28.56 -13.06 -5.40
CA PRO B 65 29.96 -12.59 -5.42
C PRO B 65 30.99 -13.58 -4.87
N ASP B 66 30.58 -14.58 -4.09
CA ASP B 66 31.52 -15.45 -3.38
C ASP B 66 31.73 -16.83 -4.01
N CYS B 67 30.99 -17.13 -5.07
CA CYS B 67 31.03 -18.43 -5.73
CA CYS B 67 31.09 -18.48 -5.60
C CYS B 67 32.28 -18.67 -6.55
N ASP B 68 32.65 -19.94 -6.74
CA ASP B 68 33.74 -20.33 -7.64
C ASP B 68 33.37 -20.05 -9.09
N GLY B 69 34.35 -20.16 -9.98
CA GLY B 69 34.12 -20.03 -11.41
C GLY B 69 33.04 -20.96 -11.97
N PRO B 70 33.18 -22.28 -11.75
CA PRO B 70 32.15 -23.23 -12.21
C PRO B 70 30.75 -22.90 -11.71
N ALA B 71 30.65 -22.51 -10.44
CA ALA B 71 29.35 -22.21 -9.84
C ALA B 71 28.72 -20.99 -10.51
N LEU B 72 29.51 -19.93 -10.67
CA LEU B 72 29.06 -18.70 -11.33
C LEU B 72 28.59 -18.94 -12.77
N SER B 73 29.25 -19.87 -13.46
CA SER B 73 28.91 -20.15 -14.86
C SER B 73 27.59 -20.87 -14.96
N LEU B 74 27.37 -21.84 -14.08
CA LEU B 74 26.10 -22.56 -14.01
C LEU B 74 24.94 -21.64 -13.65
N ILE B 75 25.18 -20.74 -12.71
CA ILE B 75 24.16 -19.81 -12.25
C ILE B 75 23.82 -18.82 -13.37
N THR B 76 24.84 -18.31 -14.05
CA THR B 76 24.63 -17.42 -15.19
C THR B 76 23.78 -18.08 -16.28
N ASP B 77 24.02 -19.37 -16.54
CA ASP B 77 23.21 -20.12 -17.50
C ASP B 77 21.75 -20.19 -17.06
N TRP B 78 21.53 -20.41 -15.76
CA TRP B 78 20.18 -20.42 -15.20
C TRP B 78 19.45 -19.12 -15.50
N TYR B 79 20.16 -18.01 -15.34
CA TYR B 79 19.56 -16.70 -15.55
C TYR B 79 19.44 -16.35 -17.04
N VAL B 80 20.42 -16.77 -17.85
CA VAL B 80 20.26 -16.66 -19.29
C VAL B 80 18.98 -17.39 -19.70
N TRP B 81 18.77 -18.56 -19.11
CA TRP B 81 17.60 -19.35 -19.42
C TRP B 81 16.30 -18.69 -18.94
N VAL B 82 16.32 -18.09 -17.76
CA VAL B 82 15.09 -17.56 -17.19
C VAL B 82 14.68 -16.28 -17.91
N PHE B 83 15.65 -15.49 -18.36
CA PHE B 83 15.33 -14.31 -19.14
C PHE B 83 14.96 -14.66 -20.59
N PHE B 84 15.57 -15.71 -21.15
CA PHE B 84 15.13 -16.17 -22.46
C PHE B 84 13.69 -16.63 -22.41
N PHE B 85 13.33 -17.38 -21.37
CA PHE B 85 11.96 -17.84 -21.21
C PHE B 85 10.98 -16.67 -21.17
N ASP B 86 11.41 -15.57 -20.56
CA ASP B 86 10.56 -14.39 -20.41
C ASP B 86 10.36 -13.73 -21.75
N ASP B 87 11.45 -13.52 -22.48
CA ASP B 87 11.36 -12.82 -23.76
C ASP B 87 10.78 -13.71 -24.86
N HIS B 88 11.00 -15.02 -24.74
CA HIS B 88 10.40 -15.99 -25.66
C HIS B 88 8.87 -16.03 -25.48
N PHE B 89 8.41 -16.13 -24.24
CA PHE B 89 6.98 -16.20 -23.99
C PHE B 89 6.29 -14.92 -24.47
N LEU B 90 6.93 -13.78 -24.25
CA LEU B 90 6.40 -12.52 -24.75
C LEU B 90 6.27 -12.55 -26.27
N GLU B 91 7.37 -12.84 -26.95
CA GLU B 91 7.40 -12.79 -28.41
C GLU B 91 6.50 -13.84 -29.07
N LYS B 92 6.49 -15.06 -28.52
CA LYS B 92 5.76 -16.16 -29.15
C LYS B 92 4.28 -16.26 -28.75
N TYR B 93 3.92 -15.78 -27.56
CA TYR B 93 2.55 -16.01 -27.08
C TYR B 93 1.81 -14.74 -26.65
N LYS B 94 2.48 -13.82 -25.95
CA LYS B 94 1.79 -12.63 -25.47
C LYS B 94 1.43 -11.67 -26.59
N ARG B 95 2.40 -11.40 -27.47
CA ARG B 95 2.14 -10.46 -28.55
C ARG B 95 1.05 -10.97 -29.50
N SER B 96 0.95 -12.29 -29.65
CA SER B 96 -0.08 -12.87 -30.50
C SER B 96 -1.32 -13.30 -29.72
N GLN B 97 -1.25 -13.21 -28.40
CA GLN B 97 -2.28 -13.75 -27.51
C GLN B 97 -2.63 -15.20 -27.84
N ASP B 98 -1.62 -15.99 -28.16
CA ASP B 98 -1.82 -17.41 -28.45
C ASP B 98 -1.81 -18.25 -27.17
N ARG B 99 -2.93 -18.23 -26.45
CA ARG B 99 -3.02 -18.91 -25.15
C ARG B 99 -2.83 -20.43 -25.25
N LEU B 100 -3.34 -21.02 -26.31
CA LEU B 100 -3.29 -22.47 -26.47
C LEU B 100 -1.86 -22.96 -26.64
N ALA B 101 -1.11 -22.29 -27.51
CA ALA B 101 0.29 -22.62 -27.72
C ALA B 101 1.09 -22.36 -26.46
N GLY B 102 0.75 -21.29 -25.74
CA GLY B 102 1.39 -21.00 -24.47
C GLY B 102 1.14 -22.10 -23.45
N LYS B 103 -0.11 -22.52 -23.34
CA LYS B 103 -0.50 -23.62 -22.46
C LYS B 103 0.33 -24.88 -22.73
N ALA B 104 0.33 -25.32 -23.98
CA ALA B 104 1.08 -26.51 -24.36
C ALA B 104 2.58 -26.36 -24.08
N HIS B 105 3.11 -25.18 -24.35
CA HIS B 105 4.53 -24.89 -24.08
C HIS B 105 4.87 -25.09 -22.60
N LEU B 106 4.02 -24.55 -21.73
CA LEU B 106 4.24 -24.66 -20.29
C LEU B 106 4.02 -26.08 -19.78
N ASP B 107 2.97 -26.73 -20.25
CA ASP B 107 2.62 -28.08 -19.79
C ASP B 107 3.71 -29.11 -20.06
N ARG B 108 4.60 -28.80 -21.00
CA ARG B 108 5.73 -29.67 -21.34
C ARG B 108 6.87 -29.59 -20.33
N LEU B 109 7.08 -28.40 -19.77
CA LEU B 109 8.31 -28.12 -19.03
C LEU B 109 8.53 -28.93 -17.73
N PRO B 110 7.46 -29.31 -17.01
CA PRO B 110 7.73 -30.18 -15.85
C PRO B 110 8.36 -31.53 -16.20
N LEU B 111 8.23 -31.97 -17.45
CA LEU B 111 8.85 -33.22 -17.88
C LEU B 111 10.36 -33.15 -17.80
N PHE B 112 10.90 -31.93 -17.84
CA PHE B 112 12.35 -31.76 -17.85
C PHE B 112 12.89 -31.41 -16.47
N MET B 113 12.06 -31.63 -15.46
CA MET B 113 12.48 -31.48 -14.07
C MET B 113 12.14 -32.71 -13.25
N PRO B 114 12.72 -33.88 -13.59
CA PRO B 114 12.41 -35.10 -12.84
C PRO B 114 12.97 -35.08 -11.42
N LEU B 115 12.20 -35.61 -10.46
CA LEU B 115 12.62 -35.63 -9.07
C LEU B 115 13.50 -36.84 -8.78
N GLY B 120 13.58 -40.31 -16.10
CA GLY B 120 14.10 -40.17 -17.45
C GLY B 120 13.88 -38.78 -18.05
N MET B 121 14.82 -38.36 -18.89
CA MET B 121 14.77 -37.03 -19.51
C MET B 121 14.34 -37.11 -20.97
N PRO B 122 13.11 -36.64 -21.28
CA PRO B 122 12.61 -36.69 -22.66
C PRO B 122 13.41 -35.81 -23.62
N GLU B 123 13.13 -35.97 -24.91
CA GLU B 123 13.82 -35.19 -25.94
C GLU B 123 13.28 -33.76 -26.02
N PRO B 124 14.17 -32.77 -25.88
CA PRO B 124 13.83 -31.35 -25.96
C PRO B 124 13.52 -30.89 -27.39
N ARG B 125 12.53 -30.02 -27.54
CA ARG B 125 12.03 -29.62 -28.86
C ARG B 125 12.17 -28.13 -29.11
N ASN B 126 12.58 -27.39 -28.09
CA ASN B 126 12.79 -25.95 -28.21
C ASN B 126 13.84 -25.48 -27.19
N PRO B 127 14.45 -24.30 -27.40
CA PRO B 127 15.55 -23.88 -26.53
C PRO B 127 15.20 -23.83 -25.05
N VAL B 128 13.95 -23.51 -24.72
CA VAL B 128 13.50 -23.48 -23.34
C VAL B 128 13.63 -24.87 -22.71
N GLU B 129 13.10 -25.87 -23.41
CA GLU B 129 13.18 -27.26 -22.94
C GLU B 129 14.62 -27.74 -22.89
N ALA B 130 15.41 -27.33 -23.88
CA ALA B 130 16.81 -27.75 -24.00
C ALA B 130 17.66 -27.19 -22.87
N GLY B 131 17.52 -25.89 -22.61
CA GLY B 131 18.22 -25.25 -21.51
C GLY B 131 17.85 -25.89 -20.19
N LEU B 132 16.55 -26.07 -19.94
CA LEU B 132 16.08 -26.62 -18.66
C LEU B 132 16.61 -28.03 -18.42
N ALA B 133 16.59 -28.85 -19.46
CA ALA B 133 17.12 -30.21 -19.39
C ALA B 133 18.58 -30.19 -18.96
N ASP B 134 19.40 -29.42 -19.67
CA ASP B 134 20.81 -29.26 -19.35
C ASP B 134 20.99 -28.82 -17.91
N LEU B 135 20.40 -27.67 -17.58
CA LEU B 135 20.54 -27.07 -16.27
C LEU B 135 20.15 -28.05 -15.16
N TRP B 136 19.03 -28.73 -15.34
CA TRP B 136 18.52 -29.62 -14.30
C TRP B 136 19.51 -30.74 -13.99
N THR B 137 20.13 -31.29 -15.04
CA THR B 137 21.06 -32.39 -14.87
C THR B 137 22.40 -31.92 -14.28
N ARG B 138 22.76 -30.67 -14.55
CA ARG B 138 24.00 -30.12 -14.03
C ARG B 138 23.88 -29.63 -12.58
N THR B 139 22.65 -29.41 -12.12
CA THR B 139 22.44 -28.72 -10.84
C THR B 139 21.95 -29.62 -9.70
N VAL B 140 20.86 -30.34 -9.96
CA VAL B 140 20.12 -31.05 -8.92
C VAL B 140 20.88 -32.12 -8.10
N PRO B 141 21.80 -32.89 -8.71
CA PRO B 141 22.39 -33.94 -7.85
C PRO B 141 23.31 -33.40 -6.77
N ALA B 142 23.61 -32.10 -6.81
CA ALA B 142 24.49 -31.48 -5.82
C ALA B 142 23.70 -30.96 -4.63
N MET B 143 22.41 -31.28 -4.58
CA MET B 143 21.55 -30.75 -3.54
C MET B 143 20.63 -31.83 -2.97
N SER B 144 20.09 -31.57 -1.78
CA SER B 144 19.19 -32.53 -1.14
C SER B 144 17.98 -32.81 -2.01
N ALA B 145 17.24 -33.85 -1.66
CA ALA B 145 16.01 -34.19 -2.34
C ALA B 145 14.91 -33.21 -1.97
N ASP B 146 14.96 -32.73 -0.73
CA ASP B 146 13.96 -31.77 -0.25
C ASP B 146 14.12 -30.45 -1.00
N TRP B 147 15.37 -30.10 -1.30
CA TRP B 147 15.66 -28.90 -2.09
C TRP B 147 15.07 -29.05 -3.49
N ARG B 148 15.36 -30.17 -4.13
CA ARG B 148 14.88 -30.44 -5.48
C ARG B 148 13.34 -30.37 -5.55
N ARG B 149 12.67 -30.90 -4.53
CA ARG B 149 11.22 -30.80 -4.44
C ARG B 149 10.77 -29.34 -4.31
N ARG B 150 11.55 -28.55 -3.58
CA ARG B 150 11.25 -27.14 -3.36
C ARG B 150 11.57 -26.28 -4.58
N PHE B 151 12.67 -26.61 -5.25
CA PHE B 151 13.12 -25.85 -6.41
C PHE B 151 12.25 -26.12 -7.63
N ALA B 152 11.66 -27.32 -7.68
CA ALA B 152 10.77 -27.68 -8.78
C ALA B 152 9.45 -26.95 -8.63
N VAL B 153 9.01 -26.80 -7.39
CA VAL B 153 7.83 -26.01 -7.09
C VAL B 153 8.03 -24.56 -7.52
N ALA B 154 9.18 -24.00 -7.15
CA ALA B 154 9.50 -22.60 -7.43
C ALA B 154 9.61 -22.34 -8.92
N THR B 155 10.12 -23.33 -9.64
CA THR B 155 10.29 -23.20 -11.09
C THR B 155 8.92 -23.21 -11.75
N GLU B 156 8.11 -24.19 -11.38
CA GLU B 156 6.76 -24.32 -11.92
C GLU B 156 5.94 -23.06 -11.73
N HIS B 157 6.09 -22.43 -10.56
CA HIS B 157 5.38 -21.19 -10.24
C HIS B 157 5.82 -20.07 -11.17
N LEU B 158 7.13 -19.87 -11.28
CA LEU B 158 7.71 -18.85 -12.14
C LEU B 158 7.17 -18.93 -13.57
N LEU B 159 7.14 -20.15 -14.11
CA LEU B 159 6.64 -20.40 -15.45
C LEU B 159 5.15 -20.08 -15.58
N ASN B 160 4.39 -20.43 -14.54
CA ASN B 160 2.95 -20.26 -14.55
C ASN B 160 2.53 -18.81 -14.39
N GLU B 161 3.50 -17.96 -14.04
CA GLU B 161 3.29 -16.52 -13.95
C GLU B 161 2.88 -15.98 -15.31
N SER B 162 3.57 -16.46 -16.34
CA SER B 162 3.31 -16.06 -17.72
C SER B 162 1.84 -16.21 -18.12
N MET B 163 1.22 -17.31 -17.72
CA MET B 163 -0.21 -17.54 -18.01
C MET B 163 -1.12 -16.52 -17.36
N TRP B 164 -0.91 -16.29 -16.06
CA TRP B 164 -1.69 -15.33 -15.29
CA TRP B 164 -1.72 -15.33 -15.32
C TRP B 164 -1.59 -13.93 -15.92
N GLU B 165 -0.39 -13.58 -16.35
CA GLU B 165 -0.18 -12.26 -16.97
C GLU B 165 -0.88 -12.17 -18.32
N LEU B 166 -0.87 -13.26 -19.07
CA LEU B 166 -1.51 -13.28 -20.39
C LEU B 166 -3.02 -13.04 -20.26
N SER B 167 -3.66 -13.74 -19.35
CA SER B 167 -5.08 -13.57 -19.11
C SER B 167 -5.41 -12.14 -18.68
N ASN B 168 -4.52 -11.55 -17.88
CA ASN B 168 -4.68 -10.15 -17.46
C ASN B 168 -4.58 -9.18 -18.62
N ILE B 169 -3.63 -9.44 -19.51
CA ILE B 169 -3.45 -8.61 -20.69
C ILE B 169 -4.71 -8.61 -21.53
N ASN B 170 -5.30 -9.79 -21.71
CA ASN B 170 -6.53 -9.94 -22.49
C ASN B 170 -7.75 -9.26 -21.89
N GLU B 171 -7.95 -9.41 -20.58
CA GLU B 171 -9.05 -8.74 -19.89
C GLU B 171 -8.79 -7.25 -19.75
N GLY B 172 -7.56 -6.82 -20.04
CA GLY B 172 -7.16 -5.45 -19.80
C GLY B 172 -7.23 -5.11 -18.32
N ARG B 173 -7.10 -6.13 -17.48
CA ARG B 173 -7.25 -5.96 -16.03
C ARG B 173 -5.92 -5.72 -15.31
N VAL B 174 -5.77 -4.53 -14.74
CA VAL B 174 -4.65 -4.24 -13.87
C VAL B 174 -5.00 -4.65 -12.44
N ALA B 175 -4.09 -5.37 -11.78
CA ALA B 175 -4.37 -5.85 -10.44
C ALA B 175 -4.34 -4.70 -9.44
N ASN B 176 -5.15 -4.81 -8.39
CA ASN B 176 -5.10 -3.85 -7.29
C ASN B 176 -3.80 -4.09 -6.50
N PRO B 177 -3.39 -3.11 -5.67
CA PRO B 177 -2.10 -3.23 -4.98
C PRO B 177 -1.89 -4.52 -4.17
N VAL B 178 -2.90 -4.97 -3.42
CA VAL B 178 -2.76 -6.18 -2.62
C VAL B 178 -2.68 -7.43 -3.53
N GLU B 179 -3.54 -7.45 -4.54
CA GLU B 179 -3.56 -8.55 -5.50
C GLU B 179 -2.23 -8.66 -6.24
N TYR B 180 -1.57 -7.53 -6.44
CA TYR B 180 -0.32 -7.53 -7.20
C TYR B 180 0.84 -8.11 -6.40
N ILE B 181 1.03 -7.62 -5.18
CA ILE B 181 2.15 -8.08 -4.38
C ILE B 181 1.98 -9.56 -4.06
N GLU B 182 0.74 -10.00 -3.89
CA GLU B 182 0.44 -11.38 -3.53
C GLU B 182 0.61 -12.31 -4.73
N MET B 183 0.38 -11.79 -5.93
CA MET B 183 0.58 -12.55 -7.16
CA MET B 183 0.58 -12.62 -7.10
C MET B 183 2.06 -12.72 -7.44
N ARG B 184 2.80 -11.62 -7.38
CA ARG B 184 4.25 -11.66 -7.55
C ARG B 184 4.91 -12.56 -6.50
N ARG B 185 4.31 -12.64 -5.30
CA ARG B 185 4.80 -13.55 -4.26
C ARG B 185 4.54 -15.01 -4.57
N LYS B 186 3.30 -15.31 -4.97
CA LYS B 186 2.88 -16.70 -5.15
C LYS B 186 3.39 -17.29 -6.45
N VAL B 187 3.65 -16.45 -7.43
CA VAL B 187 3.91 -16.93 -8.78
C VAL B 187 5.18 -16.35 -9.39
N GLY B 188 5.76 -15.34 -8.73
CA GLY B 188 6.97 -14.71 -9.22
C GLY B 188 8.23 -15.56 -9.03
N GLY B 189 9.37 -15.01 -9.43
CA GLY B 189 10.61 -15.76 -9.45
C GLY B 189 11.57 -15.59 -8.28
N ALA B 190 11.15 -14.91 -7.22
CA ALA B 190 12.02 -14.72 -6.07
C ALA B 190 12.41 -16.03 -5.37
N PRO B 191 11.44 -16.94 -5.12
CA PRO B 191 11.87 -18.19 -4.46
C PRO B 191 12.77 -19.05 -5.34
N TRP B 192 12.56 -19.01 -6.65
CA TRP B 192 13.47 -19.66 -7.58
C TRP B 192 14.88 -19.08 -7.43
N SER B 193 14.98 -17.75 -7.41
CA SER B 193 16.28 -17.09 -7.22
C SER B 193 16.91 -17.40 -5.87
N ALA B 194 16.08 -17.45 -4.83
CA ALA B 194 16.54 -17.81 -3.49
C ALA B 194 17.01 -19.26 -3.45
N GLY B 195 16.33 -20.13 -4.19
CA GLY B 195 16.72 -21.53 -4.29
C GLY B 195 18.09 -21.70 -4.89
N LEU B 196 18.44 -20.85 -5.86
CA LEU B 196 19.77 -20.86 -6.44
C LEU B 196 20.81 -20.20 -5.53
N VAL B 197 20.38 -19.26 -4.69
CA VAL B 197 21.28 -18.69 -3.70
C VAL B 197 21.76 -19.80 -2.76
N GLU B 198 20.85 -20.70 -2.42
CA GLU B 198 21.19 -21.85 -1.59
C GLU B 198 22.30 -22.67 -2.24
N TYR B 199 22.21 -22.84 -3.56
CA TYR B 199 23.22 -23.59 -4.31
C TYR B 199 24.53 -22.86 -4.27
N ALA B 200 24.47 -21.52 -4.27
CA ALA B 200 25.67 -20.69 -4.25
C ALA B 200 26.26 -20.58 -2.84
N THR B 201 25.45 -20.92 -1.84
CA THR B 201 25.85 -20.70 -0.46
C THR B 201 25.62 -21.97 0.37
N ALA B 202 24.43 -22.08 0.95
CA ALA B 202 24.06 -23.28 1.69
C ALA B 202 22.55 -23.44 1.69
N GLU B 203 22.07 -24.64 1.94
CA GLU B 203 20.64 -24.91 2.01
C GLU B 203 20.10 -24.47 3.36
N VAL B 204 18.80 -24.18 3.41
CA VAL B 204 18.17 -23.82 4.67
C VAL B 204 17.80 -25.08 5.45
N PRO B 205 18.36 -25.22 6.67
CA PRO B 205 18.03 -26.36 7.54
C PRO B 205 16.54 -26.51 7.75
N ALA B 206 16.06 -27.74 7.69
CA ALA B 206 14.63 -28.04 7.72
C ALA B 206 13.95 -27.54 8.98
N ALA B 207 14.69 -27.49 10.09
CA ALA B 207 14.12 -27.12 11.38
C ALA B 207 13.58 -25.71 11.41
N VAL B 208 14.11 -24.86 10.53
CA VAL B 208 13.74 -23.44 10.53
C VAL B 208 13.12 -22.99 9.21
N ALA B 209 13.21 -23.85 8.19
CA ALA B 209 12.82 -23.51 6.83
C ALA B 209 11.37 -23.06 6.71
N GLY B 210 10.54 -23.51 7.64
CA GLY B 210 9.13 -23.15 7.65
C GLY B 210 8.72 -22.21 8.75
N THR B 211 9.69 -21.72 9.52
CA THR B 211 9.38 -20.78 10.59
C THR B 211 8.94 -19.42 10.05
N ARG B 212 8.27 -18.64 10.89
CA ARG B 212 7.82 -17.31 10.50
C ARG B 212 8.96 -16.36 10.07
N PRO B 213 10.09 -16.33 10.80
CA PRO B 213 11.17 -15.43 10.35
C PRO B 213 11.69 -15.74 8.95
N LEU B 214 11.76 -17.01 8.58
CA LEU B 214 12.26 -17.34 7.25
C LEU B 214 11.23 -17.03 6.19
N ARG B 215 9.95 -17.16 6.53
CA ARG B 215 8.88 -16.74 5.63
C ARG B 215 8.99 -15.24 5.38
N VAL B 216 9.16 -14.46 6.46
CA VAL B 216 9.23 -13.02 6.35
C VAL B 216 10.45 -12.60 5.53
N LEU B 217 11.56 -13.30 5.75
CA LEU B 217 12.79 -13.03 5.02
C LEU B 217 12.55 -13.19 3.51
N MET B 218 11.77 -14.21 3.16
CA MET B 218 11.44 -14.48 1.76
C MET B 218 10.45 -13.43 1.22
N GLU B 219 9.44 -13.11 2.02
CA GLU B 219 8.42 -12.11 1.67
C GLU B 219 9.04 -10.75 1.34
N THR B 220 9.86 -10.25 2.26
CA THR B 220 10.52 -8.98 2.09
C THR B 220 11.49 -9.01 0.91
N PHE B 221 12.30 -10.05 0.82
CA PHE B 221 13.22 -10.22 -0.31
C PHE B 221 12.46 -10.18 -1.62
N SER B 222 11.38 -10.95 -1.68
CA SER B 222 10.56 -11.06 -2.88
C SER B 222 9.93 -9.74 -3.30
N ASP B 223 9.25 -9.07 -2.37
CA ASP B 223 8.62 -7.78 -2.64
C ASP B 223 9.64 -6.77 -3.19
N ALA B 224 10.78 -6.68 -2.51
CA ALA B 224 11.79 -5.69 -2.84
C ALA B 224 12.37 -5.90 -4.24
N VAL B 225 12.70 -7.16 -4.53
CA VAL B 225 13.21 -7.55 -5.84
C VAL B 225 12.27 -7.10 -6.95
N HIS B 226 10.98 -7.44 -6.82
CA HIS B 226 10.01 -7.11 -7.86
C HIS B 226 9.75 -5.62 -7.98
N LEU B 227 9.64 -4.93 -6.85
CA LEU B 227 9.37 -3.50 -6.87
C LEU B 227 10.52 -2.72 -7.51
N ARG B 228 11.75 -3.14 -7.26
CA ARG B 228 12.90 -2.46 -7.86
C ARG B 228 12.87 -2.65 -9.37
N ASN B 229 12.64 -3.89 -9.81
CA ASN B 229 12.57 -4.16 -11.24
C ASN B 229 11.44 -3.39 -11.90
N ASP B 230 10.31 -3.30 -11.21
CA ASP B 230 9.17 -2.54 -11.74
C ASP B 230 9.55 -1.10 -12.07
N LEU B 231 10.33 -0.46 -11.20
CA LEU B 231 10.73 0.92 -11.45
C LEU B 231 11.58 1.04 -12.71
N PHE B 232 12.45 0.07 -12.93
CA PHE B 232 13.42 0.11 -14.02
C PHE B 232 12.82 -0.37 -15.35
N SER B 233 11.81 -1.23 -15.29
CA SER B 233 11.28 -1.83 -16.51
C SER B 233 9.90 -1.29 -16.87
N TYR B 234 9.40 -0.30 -16.13
CA TYR B 234 8.09 0.30 -16.42
C TYR B 234 7.96 0.78 -17.87
N GLN B 235 8.92 1.56 -18.33
CA GLN B 235 8.87 2.15 -19.66
C GLN B 235 8.78 1.06 -20.74
N ARG B 236 9.69 0.10 -20.70
CA ARG B 236 9.64 -1.02 -21.64
C ARG B 236 8.30 -1.76 -21.57
N GLU B 237 7.83 -2.06 -20.37
CA GLU B 237 6.62 -2.87 -20.21
C GLU B 237 5.37 -2.16 -20.68
N VAL B 238 5.25 -0.86 -20.36
CA VAL B 238 4.04 -0.09 -20.66
C VAL B 238 4.03 0.50 -22.07
N GLU B 239 5.18 0.95 -22.56
CA GLU B 239 5.25 1.55 -23.88
C GLU B 239 5.48 0.53 -25.00
N ASP B 240 6.20 -0.54 -24.71
CA ASP B 240 6.60 -1.48 -25.76
C ASP B 240 5.94 -2.85 -25.68
N GLU B 241 5.85 -3.41 -24.48
CA GLU B 241 5.39 -4.78 -24.32
C GLU B 241 3.87 -4.88 -24.18
N GLY B 242 3.24 -3.86 -23.62
CA GLY B 242 1.82 -3.94 -23.29
C GLY B 242 1.60 -4.80 -22.06
N GLU B 243 2.59 -4.83 -21.17
CA GLU B 243 2.53 -5.65 -19.97
C GLU B 243 1.85 -4.89 -18.81
N LEU B 244 1.05 -5.60 -18.03
CA LEU B 244 0.34 -4.98 -16.92
C LEU B 244 0.96 -5.33 -15.57
N SER B 245 1.87 -6.31 -15.56
CA SER B 245 2.50 -6.73 -14.31
C SER B 245 3.62 -5.77 -13.93
N ASN B 246 3.23 -4.63 -13.35
CA ASN B 246 4.18 -3.62 -12.93
C ASN B 246 3.60 -2.76 -11.80
N GLY B 247 4.33 -2.69 -10.69
CA GLY B 247 3.86 -2.00 -9.49
C GLY B 247 3.57 -0.53 -9.68
N VAL B 248 4.36 0.15 -10.50
CA VAL B 248 4.15 1.56 -10.77
C VAL B 248 2.82 1.76 -11.48
N LEU B 249 2.57 0.92 -12.47
CA LEU B 249 1.31 0.94 -13.22
C LEU B 249 0.14 0.66 -12.28
N VAL B 250 0.33 -0.32 -11.41
CA VAL B 250 -0.67 -0.70 -10.39
C VAL B 250 -1.09 0.46 -9.47
N LEU B 251 -0.12 1.23 -8.95
CA LEU B 251 -0.44 2.39 -8.12
C LEU B 251 -1.08 3.52 -8.92
N GLU B 252 -0.45 3.83 -10.06
CA GLU B 252 -0.99 4.79 -11.04
C GLU B 252 -2.47 4.56 -11.34
N THR B 253 -2.84 3.31 -11.55
CA THR B 253 -4.21 2.96 -11.89
C THR B 253 -5.11 3.05 -10.68
N PHE B 254 -4.63 2.56 -9.55
CA PHE B 254 -5.46 2.52 -8.35
C PHE B 254 -5.75 3.94 -7.82
N PHE B 255 -4.74 4.82 -7.86
CA PHE B 255 -4.91 6.16 -7.30
C PHE B 255 -5.24 7.22 -8.34
N GLY B 256 -5.04 6.91 -9.63
CA GLY B 256 -5.21 7.88 -10.69
C GLY B 256 -4.21 9.03 -10.60
N CYS B 257 -3.10 8.81 -9.92
CA CYS B 257 -2.06 9.82 -9.74
C CYS B 257 -1.15 9.89 -10.96
N THR B 258 -0.16 10.78 -10.93
CA THR B 258 0.81 10.87 -12.03
C THR B 258 1.82 9.74 -11.97
N THR B 259 2.47 9.47 -13.09
CA THR B 259 3.48 8.40 -13.15
C THR B 259 4.56 8.63 -12.12
N GLN B 260 5.02 9.88 -12.04
CA GLN B 260 6.10 10.23 -11.13
C GLN B 260 5.70 10.01 -9.68
N GLU B 261 4.46 10.36 -9.36
CA GLU B 261 3.99 10.23 -7.99
C GLU B 261 3.90 8.75 -7.64
N ALA B 262 3.38 7.96 -8.57
CA ALA B 262 3.32 6.51 -8.38
C ALA B 262 4.70 5.88 -8.18
N ALA B 263 5.66 6.33 -8.99
CA ALA B 263 7.01 5.78 -8.90
C ALA B 263 7.62 6.13 -7.55
N ASP B 264 7.34 7.34 -7.08
CA ASP B 264 7.90 7.78 -5.80
C ASP B 264 7.35 6.95 -4.64
N LEU B 265 6.08 6.57 -4.72
CA LEU B 265 5.47 5.75 -3.69
C LEU B 265 5.94 4.29 -3.76
N VAL B 266 6.06 3.75 -4.97
CA VAL B 266 6.66 2.42 -5.12
C VAL B 266 8.02 2.36 -4.42
N ASN B 267 8.81 3.42 -4.59
CA ASN B 267 10.12 3.48 -3.97
C ASN B 267 10.05 3.54 -2.44
N ASP B 268 9.06 4.23 -1.88
CA ASP B 268 8.93 4.26 -0.42
C ASP B 268 8.51 2.90 0.11
N VAL B 269 7.65 2.21 -0.63
CA VAL B 269 7.32 0.83 -0.26
C VAL B 269 8.56 -0.06 -0.39
N LEU B 270 9.30 0.11 -1.49
CA LEU B 270 10.58 -0.60 -1.67
C LEU B 270 11.48 -0.39 -0.45
N THR B 271 11.74 0.88 -0.10
CA THR B 271 12.57 1.22 1.05
C THR B 271 12.12 0.49 2.31
N SER B 272 10.81 0.44 2.50
CA SER B 272 10.22 -0.16 3.68
C SER B 272 10.46 -1.67 3.75
N ARG B 273 10.28 -2.37 2.63
CA ARG B 273 10.49 -3.83 2.60
C ARG B 273 11.97 -4.15 2.81
N LEU B 274 12.84 -3.33 2.27
CA LEU B 274 14.27 -3.47 2.49
C LEU B 274 14.58 -3.38 3.98
N HIS B 275 13.93 -2.43 4.65
CA HIS B 275 14.23 -2.17 6.03
C HIS B 275 13.78 -3.34 6.91
N GLN B 276 12.62 -3.91 6.60
CA GLN B 276 12.15 -5.06 7.35
C GLN B 276 13.07 -6.27 7.11
N PHE B 277 13.51 -6.46 5.87
CA PHE B 277 14.46 -7.54 5.55
C PHE B 277 15.69 -7.49 6.45
N GLU B 278 16.27 -6.30 6.59
CA GLU B 278 17.52 -6.13 7.33
C GLU B 278 17.44 -6.60 8.79
N HIS B 279 16.40 -6.21 9.52
CA HIS B 279 16.38 -6.66 10.91
C HIS B 279 15.87 -8.10 11.01
N THR B 280 15.07 -8.55 10.05
CA THR B 280 14.71 -9.96 9.99
C THR B 280 15.98 -10.79 9.80
N ALA B 281 16.83 -10.31 8.89
CA ALA B 281 18.09 -10.98 8.58
C ALA B 281 19.04 -10.97 9.77
N PHE B 282 19.12 -9.82 10.43
CA PHE B 282 20.12 -9.59 11.48
C PHE B 282 19.67 -10.01 12.87
N THR B 283 18.37 -9.99 13.13
CA THR B 283 17.89 -10.30 14.47
C THR B 283 16.97 -11.51 14.54
N GLU B 284 15.85 -11.49 13.82
CA GLU B 284 14.83 -12.53 13.94
C GLU B 284 15.31 -13.91 13.47
N VAL B 285 16.00 -13.96 12.34
CA VAL B 285 16.44 -15.23 11.78
C VAL B 285 17.52 -15.88 12.68
N PRO B 286 18.57 -15.14 13.08
CA PRO B 286 19.50 -15.77 14.02
C PRO B 286 18.86 -16.25 15.33
N ALA B 287 17.85 -15.54 15.80
CA ALA B 287 17.18 -15.90 17.05
C ALA B 287 16.45 -17.23 16.95
N VAL B 288 15.84 -17.48 15.79
CA VAL B 288 15.02 -18.67 15.63
C VAL B 288 15.92 -19.89 15.38
N ALA B 289 17.14 -19.65 14.92
CA ALA B 289 18.10 -20.73 14.70
C ALA B 289 18.52 -21.32 16.03
N LEU B 290 18.71 -20.45 17.01
CA LEU B 290 19.08 -20.86 18.36
C LEU B 290 17.89 -21.51 19.05
N GLU B 291 16.70 -20.98 18.79
CA GLU B 291 15.48 -21.51 19.41
C GLU B 291 15.19 -22.93 18.94
N LYS B 292 15.70 -23.28 17.77
CA LYS B 292 15.49 -24.61 17.20
C LYS B 292 16.66 -25.54 17.50
N GLY B 293 17.64 -25.02 18.24
CA GLY B 293 18.79 -25.80 18.67
C GLY B 293 19.64 -26.29 17.52
N LEU B 294 19.79 -25.46 16.50
CA LEU B 294 20.59 -25.82 15.34
C LEU B 294 22.05 -25.98 15.73
N THR B 295 22.71 -26.96 15.14
CA THR B 295 24.14 -27.18 15.36
C THR B 295 24.92 -25.97 14.84
N PRO B 296 26.19 -25.81 15.28
CA PRO B 296 27.01 -24.70 14.77
C PRO B 296 27.21 -24.71 13.25
N LEU B 297 27.05 -25.87 12.63
CA LEU B 297 27.15 -25.97 11.17
C LEU B 297 25.85 -25.55 10.52
N GLU B 298 24.73 -25.90 11.15
CA GLU B 298 23.42 -25.50 10.68
C GLU B 298 23.23 -24.00 10.85
N VAL B 299 23.71 -23.47 11.97
CA VAL B 299 23.61 -22.04 12.24
C VAL B 299 24.41 -21.24 11.22
N ALA B 300 25.60 -21.74 10.89
CA ALA B 300 26.43 -21.09 9.89
C ALA B 300 25.76 -21.18 8.51
N ALA B 301 24.95 -22.21 8.32
CA ALA B 301 24.29 -22.43 7.05
C ALA B 301 23.27 -21.33 6.79
N VAL B 302 22.41 -21.12 7.78
CA VAL B 302 21.42 -20.05 7.75
C VAL B 302 22.06 -18.69 7.51
N GLY B 303 23.17 -18.42 8.19
CA GLY B 303 23.88 -17.17 8.01
C GLY B 303 24.42 -17.00 6.61
N ALA B 304 24.93 -18.09 6.04
CA ALA B 304 25.46 -18.06 4.69
C ALA B 304 24.36 -17.70 3.68
N TYR B 305 23.22 -18.35 3.84
CA TYR B 305 22.05 -18.14 3.00
C TYR B 305 21.52 -16.71 3.12
N THR B 306 21.25 -16.29 4.35
CA THR B 306 20.78 -14.93 4.64
C THR B 306 21.69 -13.88 4.02
N LYS B 307 23.00 -14.03 4.23
CA LYS B 307 23.98 -13.13 3.65
C LYS B 307 23.90 -13.16 2.12
N GLY B 308 23.56 -14.33 1.59
CA GLY B 308 23.40 -14.50 0.15
C GLY B 308 22.27 -13.67 -0.45
N LEU B 309 21.09 -13.73 0.17
CA LEU B 309 19.95 -12.94 -0.27
C LEU B 309 20.28 -11.46 -0.21
N GLN B 310 21.03 -11.08 0.82
CA GLN B 310 21.45 -9.70 1.01
C GLN B 310 22.33 -9.23 -0.14
N ASP B 311 23.29 -10.07 -0.52
CA ASP B 311 24.21 -9.76 -1.61
C ASP B 311 23.47 -9.76 -2.95
N TRP B 312 22.51 -10.66 -3.08
CA TRP B 312 21.66 -10.68 -4.26
C TRP B 312 21.02 -9.32 -4.46
N GLN B 313 20.39 -8.82 -3.39
CA GLN B 313 19.65 -7.57 -3.43
C GLN B 313 20.52 -6.37 -3.82
N SER B 314 21.71 -6.30 -3.22
CA SER B 314 22.64 -5.21 -3.54
C SER B 314 23.16 -5.33 -4.96
N GLY B 315 23.59 -6.53 -5.34
CA GLY B 315 24.08 -6.76 -6.69
C GLY B 315 23.02 -6.48 -7.75
N GLY B 316 21.79 -6.92 -7.48
CA GLY B 316 20.68 -6.72 -8.39
C GLY B 316 20.47 -5.28 -8.80
N HIS B 317 20.66 -4.36 -7.85
CA HIS B 317 20.45 -2.96 -8.17
C HIS B 317 21.53 -2.47 -9.15
N GLU B 318 22.78 -2.81 -8.86
CA GLU B 318 23.88 -2.41 -9.72
C GLU B 318 23.70 -2.90 -11.15
N TRP B 319 23.13 -4.10 -11.31
CA TRP B 319 22.91 -4.61 -12.66
C TRP B 319 21.80 -3.86 -13.37
N HIS B 320 20.71 -3.54 -12.66
CA HIS B 320 19.60 -2.79 -13.24
C HIS B 320 20.06 -1.42 -13.72
N MET B 321 21.06 -0.87 -13.03
CA MET B 321 21.62 0.43 -13.40
C MET B 321 22.49 0.35 -14.66
N ARG B 322 22.74 -0.86 -15.14
CA ARG B 322 23.72 -1.05 -16.23
C ARG B 322 23.16 -1.77 -17.48
N SER B 323 22.44 -2.86 -17.25
CA SER B 323 21.86 -3.67 -18.32
C SER B 323 20.99 -2.85 -19.29
N SER B 324 20.93 -3.31 -20.54
CA SER B 324 20.20 -2.60 -21.59
C SER B 324 18.69 -2.80 -21.53
N ARG B 325 18.23 -3.72 -20.66
CA ARG B 325 16.80 -3.97 -20.49
C ARG B 325 16.03 -2.84 -19.81
N TYR B 326 16.74 -1.88 -19.23
CA TYR B 326 16.09 -0.99 -18.27
C TYR B 326 16.31 0.50 -18.50
N MET B 327 15.44 1.29 -17.88
CA MET B 327 15.47 2.75 -17.95
C MET B 327 16.57 3.35 -17.08
N ASN B 328 17.83 3.21 -17.48
CA ASN B 328 18.94 3.72 -16.70
C ASN B 328 19.78 4.74 -17.48
N LYS B 329 19.10 5.68 -18.13
CA LYS B 329 19.70 6.74 -18.96
C LYS B 329 21.07 7.24 -18.52
MG MG C . -14.27 5.46 15.55
MG MG D . -8.54 7.15 15.08
MG MG E . -12.42 6.62 17.64
O2 212 F . -8.94 8.44 16.63
C7 212 F . -11.36 9.16 15.50
O3 212 F . -10.95 8.07 17.98
C16 212 F . -12.66 9.81 15.96
C19 212 F . -13.71 9.99 14.87
O5 212 F . -10.09 10.37 17.59
C22 212 F . -14.72 11.02 15.30
P1 212 F . -10.30 9.00 16.97
O9 212 F . -12.54 6.74 15.71
P8 212 F . -11.68 7.53 14.76
O10 212 F . -10.35 6.85 14.57
O12 212 F . -12.39 7.64 13.43
O14 212 F . -10.72 9.98 14.56
N25 212 F . -16.05 10.66 14.91
MG MG G . 8.07 -11.28 -17.30
MG MG H . 9.84 -6.00 -15.24
MG MG I . 9.72 -9.30 -18.61
O2 212 J . 13.54 -7.74 -17.03
C7 212 J . 11.68 -9.23 -15.69
O3 212 J . 11.38 -8.09 -18.16
C16 212 J . 12.24 -10.51 -16.28
C19 212 J . 12.05 -11.74 -15.40
O5 212 J . 11.54 -6.54 -16.27
C22 212 J . 12.99 -12.86 -15.76
P1 212 J . 12.05 -7.84 -16.83
O9 212 J . 9.39 -7.96 -15.15
P8 212 J . 9.88 -9.34 -15.48
O10 212 J . 9.28 -9.85 -16.78
O12 212 J . 9.50 -10.26 -14.34
O14 212 J . 12.22 -8.98 -14.41
N25 212 J . 12.25 -14.05 -16.03
#